data_6U08
#
_entry.id   6U08
#
_cell.length_a   126.760
_cell.length_b   144.953
_cell.length_c   64.186
_cell.angle_alpha   90.000
_cell.angle_beta   90.000
_cell.angle_gamma   90.000
#
_symmetry.space_group_name_H-M   'P 21 21 2'
#
loop_
_entity.id
_entity.type
_entity.pdbx_description
1 polymer 'Double-stranded DNA-specific cytidine deaminase'
2 polymer DddI
3 non-polymer 'ZINC ION'
4 water water
#
loop_
_entity_poly.entity_id
_entity_poly.type
_entity_poly.pdbx_seq_one_letter_code
_entity_poly.pdbx_strand_id
1 'polypeptide(L)'
;(MSE)GSSHHHHHHSQDPIGLNGGANVYHYAPNPVGWVDPWGLAGSYALGPYQISAPQLPAYNGQTVGTFYYVNDAGGLE
SKVFSSGGPTPYPNYANAGHVEGQSALF(MSE)RDNGISEGLVFHNNPEGTCGFCVN(MSE)TETLLPENAK(MSE)TVV
PPEGAIPVKRGATGETKVFTGNSNSPKSPTKGGC
;
A,C,E,G
2 'polypeptide(L)'
;(MSE)YADDFDGEIEIDEVDSLVEFLSRRPAFDANNFVLTFEESGFPQLNIFAKNDIAVVYY(MSE)DIGENFVSKGNSA
SGGTEKFYENKLGGEVDLSKDCVVSKEQ(MSE)IEAAKQFFATKQRPEQLTWSEL
;
B,D,F,H
#
loop_
_chem_comp.id
_chem_comp.type
_chem_comp.name
_chem_comp.formula
ZN non-polymer 'ZINC ION' 'Zn 2'
#
# COMPACT_ATOMS: atom_id res chain seq x y z
N GLY A 41 24.95 -16.93 -9.17
CA GLY A 41 24.33 -15.77 -8.55
C GLY A 41 24.71 -14.44 -9.21
N SER A 42 23.97 -14.06 -10.23
CA SER A 42 24.11 -12.74 -10.87
C SER A 42 23.03 -11.79 -10.35
N TYR A 43 23.30 -10.50 -10.50
CA TYR A 43 22.44 -9.44 -9.99
C TYR A 43 22.12 -8.48 -11.12
N ALA A 44 20.89 -7.96 -11.15
CA ALA A 44 20.55 -6.98 -12.17
C ALA A 44 21.03 -5.57 -11.78
N LEU A 45 21.58 -4.87 -12.77
CA LEU A 45 21.99 -3.48 -12.63
C LEU A 45 21.57 -2.81 -13.93
N GLY A 46 20.42 -2.13 -13.90
CA GLY A 46 19.81 -1.69 -15.12
C GLY A 46 19.73 -2.85 -16.09
N PRO A 47 20.28 -2.67 -17.30
CA PRO A 47 20.19 -3.73 -18.31
C PRO A 47 21.16 -4.87 -18.11
N TYR A 48 22.15 -4.73 -17.24
CA TYR A 48 23.26 -5.66 -17.18
C TYR A 48 23.05 -6.72 -16.10
N GLN A 49 23.65 -7.87 -16.31
CA GLN A 49 23.59 -8.99 -15.38
C GLN A 49 25.00 -9.25 -14.89
N ILE A 50 25.25 -9.01 -13.60
CA ILE A 50 26.59 -9.01 -13.03
C ILE A 50 26.63 -9.98 -11.86
N SER A 51 27.66 -10.82 -11.83
CA SER A 51 27.94 -11.67 -10.68
C SER A 51 29.29 -11.29 -10.07
N ALA A 52 29.63 -11.91 -8.95
CA ALA A 52 30.72 -11.39 -8.13
C ALA A 52 32.04 -11.46 -8.90
N PRO A 53 32.83 -10.40 -8.90
CA PRO A 53 34.18 -10.47 -9.49
C PRO A 53 35.11 -11.15 -8.50
N GLN A 54 36.26 -11.61 -9.01
CA GLN A 54 37.26 -12.11 -8.09
C GLN A 54 37.83 -10.94 -7.29
N LEU A 55 38.03 -11.18 -6.00
CA LEU A 55 38.39 -10.19 -5.02
C LEU A 55 39.59 -10.73 -4.26
N PRO A 56 40.41 -9.85 -3.67
CA PRO A 56 41.48 -10.35 -2.78
C PRO A 56 40.87 -11.18 -1.64
N ALA A 57 41.70 -12.06 -1.10
CA ALA A 57 41.32 -12.75 0.13
C ALA A 57 41.34 -11.78 1.29
N TYR A 58 40.42 -11.97 2.23
CA TYR A 58 40.16 -10.93 3.22
C TYR A 58 41.20 -11.03 4.31
N ASN A 59 41.78 -9.88 4.67
CA ASN A 59 42.90 -9.82 5.58
C ASN A 59 42.68 -8.81 6.70
N GLY A 60 41.45 -8.30 6.86
CA GLY A 60 41.11 -7.33 7.88
C GLY A 60 40.70 -5.98 7.29
N GLN A 61 41.18 -5.68 6.10
CA GLN A 61 40.70 -4.54 5.34
C GLN A 61 39.74 -5.10 4.29
N THR A 62 38.54 -4.54 4.24
CA THR A 62 37.56 -4.94 3.25
C THR A 62 37.90 -4.35 1.88
N VAL A 63 37.69 -5.13 0.83
CA VAL A 63 37.93 -4.69 -0.54
C VAL A 63 36.69 -5.02 -1.36
N GLY A 64 36.34 -4.14 -2.29
CA GLY A 64 35.15 -4.40 -3.08
C GLY A 64 35.17 -3.70 -4.42
N THR A 65 34.34 -4.22 -5.33
CA THR A 65 34.10 -3.63 -6.64
C THR A 65 32.69 -3.04 -6.69
N PHE A 66 32.60 -1.77 -7.02
CA PHE A 66 31.34 -1.08 -7.21
C PHE A 66 31.01 -0.98 -8.72
N TYR A 67 29.81 -1.39 -9.11
CA TYR A 67 29.35 -1.29 -10.49
C TYR A 67 28.21 -0.28 -10.57
N TYR A 68 28.17 0.51 -11.64
CA TYR A 68 27.09 1.48 -11.84
C TYR A 68 26.94 1.76 -13.33
N VAL A 69 25.92 2.55 -13.66
CA VAL A 69 25.55 2.82 -15.05
C VAL A 69 25.65 4.30 -15.27
N ASN A 70 26.45 4.69 -16.25
CA ASN A 70 26.68 6.11 -16.47
C ASN A 70 25.53 6.67 -17.29
N ASP A 71 25.63 7.98 -17.59
CA ASP A 71 24.54 8.71 -18.22
C ASP A 71 24.25 8.20 -19.63
N ALA A 72 25.27 7.71 -20.34
CA ALA A 72 25.10 7.08 -21.64
C ALA A 72 24.49 5.69 -21.55
N GLY A 73 24.23 5.19 -20.34
CA GLY A 73 23.80 3.82 -20.20
C GLY A 73 24.91 2.82 -20.30
N GLY A 74 26.20 3.25 -20.07
CA GLY A 74 27.32 2.32 -20.06
C GLY A 74 27.67 1.81 -18.66
N LEU A 75 28.32 0.65 -18.64
CA LEU A 75 28.71 -0.01 -17.40
C LEU A 75 30.08 0.47 -16.93
N GLU A 76 30.18 0.88 -15.67
CA GLU A 76 31.44 1.34 -15.10
C GLU A 76 31.71 0.63 -13.79
N SER A 77 32.97 0.62 -13.39
CA SER A 77 33.29 0.02 -12.10
C SER A 77 34.40 0.82 -11.43
N LYS A 78 34.38 0.81 -10.09
CA LYS A 78 35.48 1.30 -9.27
C LYS A 78 35.80 0.27 -8.19
N VAL A 79 37.08 0.19 -7.84
CA VAL A 79 37.54 -0.62 -6.72
C VAL A 79 37.69 0.29 -5.51
N PHE A 80 37.11 -0.12 -4.40
CA PHE A 80 37.26 0.58 -3.13
C PHE A 80 37.79 -0.38 -2.05
N SER A 81 38.56 0.18 -1.14
CA SER A 81 39.05 -0.57 0.01
C SER A 81 38.67 0.19 1.28
N SER A 82 38.53 -0.51 2.41
CA SER A 82 38.21 0.28 3.60
C SER A 82 39.49 0.90 4.21
N GLY A 83 39.31 1.82 5.15
CA GLY A 83 40.39 2.33 5.96
C GLY A 83 40.92 3.71 5.60
N GLY A 84 40.37 4.35 4.59
CA GLY A 84 40.90 5.62 4.19
C GLY A 84 40.36 6.78 5.00
N PRO A 85 40.92 7.95 4.74
CA PRO A 85 40.26 9.20 5.14
C PRO A 85 38.96 9.35 4.37
N THR A 86 38.09 10.22 4.87
CA THR A 86 36.79 10.41 4.26
C THR A 86 36.34 11.83 4.53
N PRO A 87 35.43 12.38 3.71
CA PRO A 87 34.82 13.67 4.06
C PRO A 87 33.85 13.63 5.24
N TYR A 88 33.35 12.46 5.66
CA TYR A 88 32.38 12.39 6.77
C TYR A 88 32.85 11.43 7.85
N PRO A 89 33.99 11.70 8.48
CA PRO A 89 34.50 10.75 9.46
C PRO A 89 33.59 10.59 10.69
N ASN A 90 32.63 11.49 10.92
CA ASN A 90 31.68 11.23 11.99
C ASN A 90 30.78 10.01 11.72
N TYR A 91 30.63 9.56 10.48
CA TYR A 91 29.90 8.34 10.14
C TYR A 91 30.89 7.18 10.02
N ALA A 92 30.81 6.23 10.95
CA ALA A 92 31.74 5.09 10.99
C ALA A 92 31.78 4.30 9.68
N ASN A 93 30.77 4.43 8.82
CA ASN A 93 30.71 3.64 7.61
C ASN A 93 31.15 4.41 6.37
N ALA A 94 31.45 5.70 6.50
CA ALA A 94 31.75 6.51 5.32
C ALA A 94 32.95 5.97 4.56
N GLY A 95 33.98 5.52 5.27
CA GLY A 95 35.17 4.95 4.68
C GLY A 95 35.08 3.49 4.36
N HIS A 96 33.96 2.86 4.65
CA HIS A 96 33.78 1.49 4.19
C HIS A 96 33.57 1.45 2.69
N VAL A 97 33.69 0.24 2.16
CA VAL A 97 33.50 0.00 0.73
C VAL A 97 32.11 0.49 0.30
N GLU A 98 31.08 0.09 1.05
CA GLU A 98 29.71 0.44 0.71
C GLU A 98 29.43 1.91 0.97
N GLY A 99 30.15 2.51 1.93
CA GLY A 99 29.99 3.93 2.18
C GLY A 99 30.63 4.79 1.09
N GLN A 100 31.81 4.39 0.59
CA GLN A 100 32.39 5.15 -0.51
C GLN A 100 31.56 4.98 -1.75
N SER A 101 30.99 3.79 -1.93
CA SER A 101 30.08 3.58 -3.03
C SER A 101 28.89 4.54 -2.96
N ALA A 102 28.29 4.67 -1.77
CA ALA A 102 27.18 5.60 -1.57
C ALA A 102 27.59 7.05 -1.81
N LEU A 103 28.72 7.48 -1.26
CA LEU A 103 29.10 8.89 -1.42
C LEU A 103 29.51 9.20 -2.86
N PHE A 104 30.01 8.20 -3.59
CA PHE A 104 30.30 8.37 -5.00
C PHE A 104 29.01 8.58 -5.80
N MSE A 105 27.96 7.86 -5.44
CA MSE A 105 26.66 8.04 -6.08
C MSE A 105 26.08 9.44 -5.82
O MSE A 105 25.54 10.08 -6.73
CB MSE A 105 25.67 6.98 -5.64
CG MSE A 105 25.92 5.63 -6.28
SE MSE A 105 24.94 4.10 -5.42
CE MSE A 105 23.30 4.26 -6.55
N ARG A 106 26.20 9.90 -4.57
CA ARG A 106 25.77 11.24 -4.21
C ARG A 106 26.52 12.29 -5.03
N ASP A 107 27.85 12.16 -5.15
CA ASP A 107 28.64 13.20 -5.81
C ASP A 107 28.52 13.17 -7.33
N ASN A 108 28.00 12.10 -7.91
CA ASN A 108 27.94 11.99 -9.35
C ASN A 108 26.53 11.81 -9.87
N GLY A 109 25.52 12.05 -9.05
CA GLY A 109 24.14 11.89 -9.46
C GLY A 109 23.78 10.52 -9.98
N ILE A 110 24.36 9.48 -9.41
CA ILE A 110 24.07 8.12 -9.87
C ILE A 110 22.89 7.61 -9.07
N SER A 111 22.01 6.84 -9.72
CA SER A 111 20.75 6.44 -9.12
C SER A 111 20.62 4.94 -8.91
N GLU A 112 21.53 4.14 -9.47
CA GLU A 112 21.44 2.70 -9.29
C GLU A 112 22.86 2.14 -9.29
N GLY A 113 23.17 1.33 -8.27
CA GLY A 113 24.52 0.80 -8.09
C GLY A 113 24.48 -0.56 -7.41
N LEU A 114 25.56 -1.30 -7.64
CA LEU A 114 25.67 -2.66 -7.12
C LEU A 114 27.09 -2.86 -6.61
N VAL A 115 27.27 -3.31 -5.36
CA VAL A 115 28.62 -3.47 -4.81
C VAL A 115 28.84 -4.88 -4.25
N PHE A 116 29.97 -5.48 -4.59
CA PHE A 116 30.44 -6.76 -4.08
C PHE A 116 31.63 -6.53 -3.16
N HIS A 117 31.57 -7.01 -1.92
CA HIS A 117 32.74 -6.90 -1.03
C HIS A 117 33.17 -8.28 -0.53
N ASN A 118 34.35 -8.33 0.11
CA ASN A 118 34.95 -9.61 0.45
C ASN A 118 34.96 -9.90 1.95
N ASN A 119 34.17 -9.20 2.73
CA ASN A 119 34.25 -9.39 4.16
C ASN A 119 33.47 -10.62 4.59
N PRO A 120 34.13 -11.67 5.08
CA PRO A 120 33.39 -12.90 5.45
C PRO A 120 32.46 -12.72 6.64
N GLU A 121 32.57 -11.65 7.41
CA GLU A 121 31.59 -11.46 8.47
C GLU A 121 30.44 -10.54 8.01
N GLY A 122 30.28 -10.40 6.71
CA GLY A 122 29.10 -9.78 6.17
C GLY A 122 29.18 -8.26 6.11
N THR A 123 28.01 -7.65 5.90
CA THR A 123 27.83 -6.21 5.87
C THR A 123 27.51 -5.73 7.28
N CYS A 124 28.26 -4.74 7.76
CA CYS A 124 28.24 -4.43 9.17
C CYS A 124 26.97 -3.62 9.55
N GLY A 125 26.73 -3.50 10.86
CA GLY A 125 25.51 -2.84 11.32
C GLY A 125 25.52 -1.33 11.10
N PHE A 126 26.70 -0.73 11.13
CA PHE A 126 26.84 0.67 10.73
C PHE A 126 26.30 0.90 9.32
N CYS A 127 26.62 0.01 8.38
CA CYS A 127 26.17 0.15 7.00
C CYS A 127 24.70 -0.15 6.87
N VAL A 128 24.23 -1.20 7.54
CA VAL A 128 22.80 -1.52 7.52
C VAL A 128 21.97 -0.30 7.93
N ASN A 129 22.45 0.46 8.91
CA ASN A 129 21.65 1.51 9.54
C ASN A 129 21.97 2.92 9.06
N MSE A 130 23.10 3.14 8.38
CA MSE A 130 23.47 4.50 7.97
C MSE A 130 23.53 4.70 6.45
O MSE A 130 23.63 5.82 5.96
CB MSE A 130 24.83 4.90 8.54
CG MSE A 130 24.96 4.70 10.04
SE MSE A 130 26.63 5.55 10.78
CE MSE A 130 27.80 4.26 10.05
N THR A 131 23.49 3.59 5.69
CA THR A 131 23.77 3.66 4.26
C THR A 131 22.71 4.45 3.50
N GLU A 132 21.45 4.36 3.93
CA GLU A 132 20.44 5.20 3.27
C GLU A 132 20.61 6.68 3.59
N THR A 133 21.40 7.05 4.59
CA THR A 133 21.61 8.47 4.83
C THR A 133 22.68 9.00 3.91
N LEU A 134 23.74 8.22 3.69
CA LEU A 134 24.76 8.66 2.75
C LEU A 134 24.17 8.71 1.34
N LEU A 135 23.31 7.75 1.00
CA LEU A 135 22.76 7.70 -0.36
C LEU A 135 21.90 8.93 -0.64
N PRO A 136 22.01 9.51 -1.84
CA PRO A 136 21.06 10.56 -2.23
C PRO A 136 19.64 10.00 -2.33
N GLU A 137 18.66 10.86 -2.12
CA GLU A 137 17.29 10.39 -2.00
C GLU A 137 16.87 9.51 -3.19
N ASN A 138 16.33 8.35 -2.88
CA ASN A 138 15.67 7.41 -3.78
C ASN A 138 16.67 6.59 -4.58
N ALA A 139 17.96 6.87 -4.47
CA ALA A 139 18.97 6.06 -5.13
C ALA A 139 18.97 4.65 -4.56
N LYS A 140 19.18 3.68 -5.41
CA LYS A 140 19.12 2.28 -5.03
C LYS A 140 20.52 1.66 -5.13
N MSE A 141 20.92 0.96 -4.08
CA MSE A 141 22.23 0.35 -4.06
C MSE A 141 22.17 -1.03 -3.40
O MSE A 141 21.70 -1.18 -2.27
CB MSE A 141 23.24 1.26 -3.34
CG MSE A 141 24.66 0.79 -3.61
SE MSE A 141 26.05 1.69 -2.56
CE MSE A 141 25.46 1.20 -0.74
N THR A 142 22.64 -2.05 -4.12
CA THR A 142 22.57 -3.43 -3.66
C THR A 142 23.97 -3.88 -3.19
N VAL A 143 24.07 -4.31 -1.93
CA VAL A 143 25.35 -4.70 -1.33
C VAL A 143 25.36 -6.22 -1.15
N VAL A 144 26.36 -6.87 -1.73
CA VAL A 144 26.47 -8.31 -1.80
C VAL A 144 27.72 -8.75 -1.05
N PRO A 145 27.57 -9.36 0.12
CA PRO A 145 28.72 -9.92 0.82
C PRO A 145 29.17 -11.18 0.13
N PRO A 146 30.32 -11.74 0.50
CA PRO A 146 30.73 -13.01 -0.11
C PRO A 146 29.74 -14.11 0.24
N GLU A 147 29.67 -15.13 -0.62
CA GLU A 147 28.85 -16.29 -0.33
C GLU A 147 29.30 -16.91 0.98
N GLY A 148 28.33 -17.39 1.77
CA GLY A 148 28.60 -17.97 3.08
C GLY A 148 29.18 -17.00 4.08
N ALA A 149 28.96 -15.70 3.92
CA ALA A 149 29.31 -14.78 4.98
C ALA A 149 28.53 -15.14 6.23
N ILE A 150 29.19 -15.05 7.37
CA ILE A 150 28.54 -15.28 8.66
C ILE A 150 28.86 -14.10 9.57
N PRO A 151 27.87 -13.27 9.91
CA PRO A 151 28.13 -12.14 10.80
C PRO A 151 28.48 -12.57 12.21
N VAL A 152 29.29 -11.75 12.86
CA VAL A 152 29.75 -12.01 14.22
C VAL A 152 29.39 -10.89 15.18
N LYS A 153 28.98 -9.74 14.67
CA LYS A 153 28.49 -8.62 15.47
C LYS A 153 26.98 -8.48 15.19
N ARG A 154 26.18 -8.35 16.25
CA ARG A 154 24.76 -8.09 16.08
C ARG A 154 24.55 -6.87 15.19
N GLY A 155 23.43 -6.87 14.48
CA GLY A 155 23.12 -5.83 13.53
C GLY A 155 23.74 -6.08 12.17
N ALA A 156 24.85 -6.82 12.11
CA ALA A 156 25.46 -7.12 10.83
C ALA A 156 24.61 -8.16 10.11
N THR A 157 24.78 -8.21 8.77
CA THR A 157 24.03 -9.14 7.95
C THR A 157 24.95 -9.90 7.00
N GLY A 158 24.67 -11.20 6.84
CA GLY A 158 25.33 -12.02 5.85
C GLY A 158 24.56 -12.16 4.56
N GLU A 159 23.46 -11.42 4.39
CA GLU A 159 22.58 -11.55 3.24
C GLU A 159 22.76 -10.32 2.36
N THR A 160 22.36 -10.44 1.09
CA THR A 160 22.34 -9.28 0.20
C THR A 160 21.34 -8.25 0.71
N LYS A 161 21.72 -6.97 0.70
CA LYS A 161 20.80 -5.93 1.11
C LYS A 161 20.62 -4.92 -0.02
N VAL A 162 19.40 -4.45 -0.16
CA VAL A 162 19.01 -3.43 -1.14
C VAL A 162 18.65 -2.18 -0.36
N PHE A 163 19.56 -1.21 -0.32
CA PHE A 163 19.27 0.08 0.26
C PHE A 163 18.65 0.99 -0.79
N THR A 164 17.63 1.74 -0.41
CA THR A 164 17.22 2.89 -1.20
C THR A 164 17.39 4.15 -0.37
N GLY A 165 18.07 5.15 -0.95
CA GLY A 165 18.38 6.35 -0.22
C GLY A 165 17.13 7.04 0.33
N ASN A 166 17.28 7.61 1.53
CA ASN A 166 16.24 8.45 2.12
C ASN A 166 16.59 9.93 1.93
N SER A 167 15.75 10.79 2.49
CA SER A 167 15.82 12.20 2.23
C SER A 167 16.91 12.92 3.03
N ASN A 168 17.46 12.32 4.08
CA ASN A 168 18.42 13.12 4.83
C ASN A 168 19.83 12.90 4.28
N SER A 169 20.70 13.87 4.57
CA SER A 169 22.05 13.93 4.06
C SER A 169 23.04 13.85 5.21
N PRO A 170 24.29 13.48 4.94
CA PRO A 170 25.30 13.49 6.00
C PRO A 170 25.46 14.88 6.62
N LYS A 171 25.54 14.91 7.95
CA LYS A 171 25.93 16.12 8.66
C LYS A 171 27.45 16.26 8.64
N SER A 172 27.93 17.51 8.41
CA SER A 172 29.37 17.75 8.33
C SER A 172 30.01 17.71 9.71
N PRO A 173 31.23 17.19 9.84
CA PRO A 173 31.89 17.13 11.16
C PRO A 173 32.47 18.46 11.67
N MSE B 1 22.42 -9.79 28.24
CA MSE B 1 22.59 -8.81 27.19
C MSE B 1 23.69 -9.32 26.29
O MSE B 1 24.65 -9.94 26.78
CB MSE B 1 22.93 -7.41 27.76
CG MSE B 1 23.11 -6.33 26.68
SE MSE B 1 24.06 -4.62 27.16
CE MSE B 1 25.88 -5.33 27.40
N TYR B 2 23.55 -9.13 24.99
CA TYR B 2 24.59 -9.52 24.05
C TYR B 2 25.72 -8.51 24.11
N ALA B 3 26.96 -9.00 24.09
CA ALA B 3 28.12 -8.13 24.08
C ALA B 3 29.14 -8.71 23.10
N ASP B 4 29.46 -7.96 22.06
CA ASP B 4 30.40 -8.37 21.01
C ASP B 4 31.66 -7.54 21.10
N ASP B 5 32.81 -8.18 20.92
CA ASP B 5 34.08 -7.44 20.83
C ASP B 5 34.96 -8.12 19.77
N PHE B 6 36.25 -7.75 19.72
CA PHE B 6 37.17 -8.34 18.74
C PHE B 6 37.11 -9.87 18.71
N ASP B 7 36.87 -10.52 19.88
CA ASP B 7 37.02 -11.97 20.01
C ASP B 7 35.73 -12.74 19.83
N GLY B 8 34.60 -12.08 19.71
CA GLY B 8 33.36 -12.81 19.59
C GLY B 8 32.35 -12.33 20.61
N GLU B 9 31.32 -13.15 20.81
CA GLU B 9 30.15 -12.77 21.57
C GLU B 9 30.11 -13.51 22.89
N ILE B 10 29.85 -12.78 23.96
CA ILE B 10 29.44 -13.40 25.22
C ILE B 10 28.15 -12.71 25.68
N GLU B 11 27.49 -13.34 26.64
CA GLU B 11 26.29 -12.76 27.26
C GLU B 11 26.65 -12.20 28.62
N ILE B 12 26.22 -10.97 28.88
CA ILE B 12 26.52 -10.28 30.13
C ILE B 12 25.26 -10.22 30.96
N ASP B 13 25.38 -10.57 32.25
CA ASP B 13 24.24 -10.60 33.15
C ASP B 13 24.24 -9.51 34.20
N GLU B 14 25.39 -8.93 34.55
CA GLU B 14 25.38 -7.83 35.52
C GLU B 14 26.54 -6.87 35.27
N VAL B 15 26.42 -5.71 35.89
CA VAL B 15 27.23 -4.55 35.52
C VAL B 15 28.72 -4.82 35.72
N ASP B 16 29.09 -5.59 36.75
CA ASP B 16 30.51 -5.78 37.02
C ASP B 16 31.21 -6.56 35.92
N SER B 17 30.57 -7.61 35.39
CA SER B 17 31.08 -8.28 34.20
C SER B 17 31.22 -7.30 33.04
N LEU B 18 30.19 -6.48 32.83
CA LEU B 18 30.22 -5.52 31.73
C LEU B 18 31.45 -4.63 31.83
N VAL B 19 31.70 -4.06 33.02
CA VAL B 19 32.82 -3.15 33.25
C VAL B 19 34.15 -3.85 33.02
N GLU B 20 34.29 -5.11 33.47
CA GLU B 20 35.48 -5.87 33.14
C GLU B 20 35.60 -6.08 31.64
N PHE B 21 34.48 -6.40 30.98
CA PHE B 21 34.50 -6.70 29.56
C PHE B 21 34.96 -5.49 28.74
N LEU B 22 34.44 -4.31 29.05
CA LEU B 22 34.79 -3.08 28.36
C LEU B 22 36.25 -2.68 28.58
N SER B 23 36.95 -3.34 29.49
CA SER B 23 38.35 -3.04 29.70
C SER B 23 39.23 -3.87 28.80
N ARG B 24 38.68 -4.91 28.19
CA ARG B 24 39.44 -5.76 27.27
C ARG B 24 40.01 -4.94 26.10
N ARG B 25 41.28 -5.20 25.78
CA ARG B 25 41.94 -4.59 24.61
C ARG B 25 42.75 -5.67 23.90
N PRO B 26 42.08 -6.53 23.11
CA PRO B 26 42.76 -7.76 22.60
C PRO B 26 43.82 -7.53 21.53
N ALA B 27 43.84 -6.37 20.88
CA ALA B 27 44.83 -6.18 19.83
C ALA B 27 44.90 -4.71 19.51
N PHE B 28 46.12 -4.24 19.21
CA PHE B 28 46.38 -2.83 18.88
C PHE B 28 46.01 -1.90 20.03
N ASP B 29 46.00 -2.45 21.26
CA ASP B 29 45.54 -1.74 22.44
C ASP B 29 44.13 -1.17 22.20
N ALA B 30 43.29 -1.92 21.47
CA ALA B 30 42.01 -1.38 21.00
C ALA B 30 40.90 -2.42 21.12
N ASN B 31 39.67 -1.99 20.84
CA ASN B 31 38.55 -2.91 20.78
C ASN B 31 37.41 -2.20 20.08
N ASN B 32 36.45 -3.00 19.60
CA ASN B 32 35.20 -2.51 19.01
C ASN B 32 34.08 -3.32 19.63
N PHE B 33 33.25 -2.66 20.43
CA PHE B 33 32.20 -3.30 21.22
C PHE B 33 30.83 -3.09 20.58
N VAL B 34 29.98 -4.11 20.62
CA VAL B 34 28.58 -3.93 20.26
C VAL B 34 27.75 -4.48 21.42
N LEU B 35 26.99 -3.61 22.06
CA LEU B 35 26.11 -3.98 23.17
C LEU B 35 24.66 -3.90 22.69
N THR B 36 23.90 -4.98 22.89
CA THR B 36 22.52 -4.98 22.42
C THR B 36 21.73 -6.00 23.21
N PHE B 37 20.45 -5.68 23.39
CA PHE B 37 19.53 -6.62 23.99
C PHE B 37 18.72 -7.38 22.96
N GLU B 38 18.70 -6.93 21.71
CA GLU B 38 17.85 -7.50 20.69
C GLU B 38 18.64 -8.45 19.79
N GLU B 39 18.00 -9.55 19.41
CA GLU B 39 18.64 -10.45 18.45
C GLU B 39 18.98 -9.77 17.13
N SER B 40 18.17 -8.79 16.70
CA SER B 40 18.44 -8.06 15.46
C SER B 40 19.58 -7.04 15.57
N GLY B 41 20.04 -6.74 16.79
CA GLY B 41 21.12 -5.79 17.00
C GLY B 41 20.68 -4.35 17.15
N PHE B 42 19.37 -4.09 17.19
CA PHE B 42 18.85 -2.73 17.22
C PHE B 42 17.78 -2.63 18.29
N PRO B 43 17.91 -1.71 19.26
CA PRO B 43 19.00 -0.76 19.52
C PRO B 43 20.34 -1.38 19.86
N GLN B 44 21.43 -0.67 19.54
CA GLN B 44 22.75 -1.05 20.00
C GLN B 44 23.53 0.18 20.38
N LEU B 45 24.48 -0.05 21.29
CA LEU B 45 25.57 0.85 21.55
C LEU B 45 26.76 0.24 20.83
N ASN B 46 27.46 1.06 20.07
CA ASN B 46 28.59 0.56 19.30
C ASN B 46 29.77 1.45 19.62
N ILE B 47 30.80 0.87 20.24
CA ILE B 47 31.87 1.60 20.90
C ILE B 47 33.20 1.24 20.25
N PHE B 48 33.94 2.26 19.84
CA PHE B 48 35.32 2.11 19.41
C PHE B 48 36.20 2.57 20.56
N ALA B 49 37.21 1.78 20.92
CA ALA B 49 38.05 2.11 22.06
C ALA B 49 39.50 1.88 21.70
N LYS B 50 40.34 2.81 22.12
CA LYS B 50 41.78 2.77 21.91
C LYS B 50 42.43 3.58 23.02
N ASN B 51 43.53 3.07 23.58
CA ASN B 51 44.24 3.64 24.77
C ASN B 51 43.16 3.91 25.84
N ASP B 52 43.12 5.13 26.39
CA ASP B 52 42.11 5.57 27.33
C ASP B 52 41.03 6.43 26.66
N ILE B 53 40.80 6.27 25.35
CA ILE B 53 39.82 7.08 24.63
C ILE B 53 38.82 6.20 23.88
N ALA B 54 37.73 6.83 23.44
CA ALA B 54 36.67 6.07 22.79
C ALA B 54 35.74 6.99 22.01
N VAL B 55 35.02 6.38 21.06
CA VAL B 55 33.92 6.99 20.31
C VAL B 55 32.70 6.06 20.48
N VAL B 56 31.54 6.64 20.79
CA VAL B 56 30.34 5.88 21.15
C VAL B 56 29.25 6.23 20.17
N TYR B 57 28.66 5.20 19.54
CA TYR B 57 27.48 5.34 18.70
C TYR B 57 26.28 4.68 19.38
N TYR B 58 25.11 5.28 19.25
CA TYR B 58 23.86 4.62 19.60
C TYR B 58 23.03 4.54 18.33
N MSE B 59 22.50 3.35 18.05
CA MSE B 59 21.80 3.11 16.80
C MSE B 59 20.48 2.42 17.01
O MSE B 59 20.40 1.41 17.70
CB MSE B 59 22.65 2.26 15.88
CG MSE B 59 23.85 3.01 15.35
SE MSE B 59 24.69 2.17 13.86
CE MSE B 59 25.43 0.60 14.72
N ASP B 60 19.45 2.94 16.38
CA ASP B 60 18.18 2.23 16.31
C ASP B 60 17.60 2.50 14.93
N ILE B 61 16.57 1.72 14.58
CA ILE B 61 15.87 1.91 13.31
C ILE B 61 15.48 3.37 13.17
N GLY B 62 15.96 4.02 12.12
CA GLY B 62 15.76 5.44 11.93
C GLY B 62 16.42 6.33 12.95
N GLU B 63 17.41 5.84 13.68
CA GLU B 63 18.09 6.67 14.68
C GLU B 63 19.59 6.41 14.62
N ASN B 64 20.38 7.48 14.56
CA ASN B 64 21.83 7.36 14.50
C ASN B 64 22.43 8.49 15.31
N PHE B 65 23.17 8.16 16.38
CA PHE B 65 23.77 9.16 17.26
C PHE B 65 25.23 8.83 17.53
N VAL B 66 26.03 9.87 17.76
CA VAL B 66 27.45 9.71 18.04
C VAL B 66 27.81 10.59 19.23
N SER B 67 28.74 10.12 20.05
CA SER B 67 29.19 10.91 21.18
C SER B 67 29.77 12.24 20.69
N LYS B 68 29.73 13.24 21.56
CA LYS B 68 30.24 14.57 21.26
C LYS B 68 31.23 14.92 22.36
N GLY B 69 32.52 14.84 22.07
CA GLY B 69 33.52 15.31 23.01
C GLY B 69 33.73 16.81 22.87
N ASN B 70 34.99 17.25 22.89
CA ASN B 70 35.33 18.65 22.60
C ASN B 70 36.14 18.79 21.30
N GLY B 74 39.26 20.26 14.90
CA GLY B 74 39.24 18.81 15.10
C GLY B 74 39.48 18.00 13.83
N GLY B 75 40.53 17.19 13.85
CA GLY B 75 40.83 16.30 12.74
C GLY B 75 40.19 14.95 12.95
N THR B 76 40.94 13.89 12.64
CA THR B 76 40.46 12.54 12.79
C THR B 76 41.36 11.77 13.74
N GLU B 77 40.83 10.64 14.20
CA GLU B 77 41.52 9.73 15.10
C GLU B 77 41.29 8.32 14.59
N LYS B 78 42.34 7.54 14.56
CA LYS B 78 42.25 6.22 13.96
C LYS B 78 41.87 5.21 15.04
N PHE B 79 40.82 4.43 14.77
CA PHE B 79 40.42 3.31 15.60
C PHE B 79 40.44 2.03 14.76
N TYR B 80 40.39 0.88 15.44
CA TYR B 80 40.39 -0.42 14.78
C TYR B 80 39.05 -1.12 14.94
N GLU B 81 38.63 -1.80 13.89
CA GLU B 81 37.34 -2.47 13.78
C GLU B 81 37.44 -3.95 14.06
N ASN B 82 38.61 -4.53 13.93
CA ASN B 82 38.76 -5.96 14.08
C ASN B 82 40.18 -6.26 14.55
N LYS B 83 40.41 -7.54 14.81
CA LYS B 83 41.64 -8.02 15.41
C LYS B 83 42.78 -8.10 14.42
N LEU B 84 42.48 -8.27 13.14
CA LEU B 84 43.50 -8.26 12.09
C LEU B 84 43.93 -6.87 11.66
N GLY B 85 43.38 -5.80 12.24
CA GLY B 85 43.89 -4.46 12.01
C GLY B 85 43.13 -3.60 11.03
N GLY B 86 41.93 -3.99 10.61
CA GLY B 86 41.13 -3.10 9.81
C GLY B 86 40.96 -1.80 10.56
N GLU B 87 41.25 -0.67 9.90
CA GLU B 87 41.27 0.63 10.53
C GLU B 87 40.05 1.43 10.13
N VAL B 88 39.77 2.47 10.93
CA VAL B 88 38.72 3.43 10.60
C VAL B 88 39.13 4.79 11.16
N ASP B 89 38.88 5.85 10.39
CA ASP B 89 39.17 7.22 10.81
C ASP B 89 37.89 7.84 11.34
N LEU B 90 37.89 8.27 12.60
CA LEU B 90 36.74 8.88 13.23
C LEU B 90 37.05 10.32 13.66
N SER B 91 35.99 11.11 13.77
CA SER B 91 36.10 12.50 14.14
C SER B 91 36.68 12.68 15.54
N LYS B 92 37.71 13.51 15.65
CA LYS B 92 38.19 13.90 16.98
C LYS B 92 37.11 14.61 17.79
N ASP B 93 36.12 15.24 17.12
CA ASP B 93 35.00 15.88 17.80
C ASP B 93 34.15 14.89 18.59
N CYS B 94 34.27 13.60 18.28
CA CYS B 94 33.45 12.58 18.91
C CYS B 94 34.20 11.79 19.98
N VAL B 95 35.51 11.99 20.09
CA VAL B 95 36.30 11.18 21.01
C VAL B 95 35.98 11.57 22.43
N VAL B 96 35.65 10.57 23.23
CA VAL B 96 35.22 10.79 24.60
C VAL B 96 36.17 9.98 25.47
N SER B 97 36.21 10.33 26.75
CA SER B 97 37.07 9.59 27.66
C SER B 97 36.60 8.13 27.83
N LYS B 98 37.58 7.24 28.08
CA LYS B 98 37.25 5.83 28.34
C LYS B 98 36.29 5.69 29.51
N GLU B 99 36.44 6.52 30.54
CA GLU B 99 35.55 6.48 31.68
C GLU B 99 34.14 6.91 31.28
N GLN B 100 34.03 8.03 30.57
CA GLN B 100 32.72 8.50 30.12
C GLN B 100 31.97 7.44 29.33
N MSE B 101 32.70 6.65 28.56
CA MSE B 101 32.13 5.55 27.81
C MSE B 101 31.57 4.40 28.71
O MSE B 101 30.56 3.82 28.40
CB MSE B 101 33.18 5.05 26.82
CG MSE B 101 32.79 3.80 26.01
SE MSE B 101 33.25 2.05 26.83
CE MSE B 101 35.14 2.44 27.15
N ILE B 102 32.28 4.09 29.80
CA ILE B 102 31.81 3.08 30.75
C ILE B 102 30.49 3.51 31.37
N GLU B 103 30.42 4.76 31.84
CA GLU B 103 29.17 5.28 32.39
C GLU B 103 28.03 5.18 31.39
N ALA B 104 28.29 5.52 30.12
CA ALA B 104 27.27 5.36 29.09
C ALA B 104 26.84 3.91 28.95
N ALA B 105 27.81 3.01 28.87
CA ALA B 105 27.45 1.59 28.72
C ALA B 105 26.68 1.08 29.95
N LYS B 106 27.01 1.59 31.14
CA LYS B 106 26.23 1.23 32.33
C LYS B 106 24.78 1.66 32.19
N GLN B 107 24.55 2.90 31.75
CA GLN B 107 23.18 3.39 31.61
C GLN B 107 22.42 2.59 30.56
N PHE B 108 23.06 2.23 29.44
CA PHE B 108 22.37 1.45 28.42
C PHE B 108 22.04 0.06 28.91
N PHE B 109 22.90 -0.52 29.74
CA PHE B 109 22.63 -1.82 30.31
C PHE B 109 21.44 -1.77 31.25
N ALA B 110 21.31 -0.71 32.04
CA ALA B 110 20.16 -0.65 32.93
C ALA B 110 18.92 -0.15 32.22
N THR B 111 19.02 0.67 31.16
CA THR B 111 17.78 1.18 30.61
C THR B 111 17.39 0.59 29.27
N LYS B 112 18.31 -0.05 28.53
CA LYS B 112 18.05 -0.50 27.16
C LYS B 112 17.65 0.65 26.25
N GLN B 113 18.10 1.88 26.58
CA GLN B 113 17.82 3.05 25.78
C GLN B 113 19.04 3.96 25.75
N ARG B 114 18.96 5.00 24.93
CA ARG B 114 20.10 5.88 24.70
C ARG B 114 20.59 6.47 26.02
N PRO B 115 21.86 6.33 26.35
CA PRO B 115 22.37 6.84 27.62
C PRO B 115 22.24 8.36 27.72
N GLU B 116 21.84 8.83 28.91
CA GLU B 116 21.71 10.26 29.11
C GLU B 116 23.03 10.93 29.55
N GLN B 117 24.09 10.16 29.80
CA GLN B 117 25.36 10.72 30.26
C GLN B 117 26.03 11.56 29.18
N LEU B 118 26.29 10.95 28.03
CA LEU B 118 27.06 11.63 27.01
C LEU B 118 26.25 12.73 26.35
N THR B 119 26.96 13.72 25.80
CA THR B 119 26.39 14.60 24.80
C THR B 119 26.35 13.87 23.46
N TRP B 120 25.25 14.03 22.72
CA TRP B 120 25.05 13.36 21.44
C TRP B 120 24.86 14.37 20.32
N SER B 121 25.40 14.03 19.15
CA SER B 121 24.99 14.60 17.88
C SER B 121 24.19 13.56 17.13
N GLU B 122 23.12 14.00 16.47
CA GLU B 122 22.29 13.14 15.65
C GLU B 122 22.81 13.15 14.22
N LEU B 123 22.94 11.96 13.65
CA LEU B 123 23.36 11.79 12.26
C LEU B 123 22.17 11.49 11.34
N GLY C 41 9.36 -22.05 -1.72
CA GLY C 41 9.53 -20.80 -2.45
C GLY C 41 8.21 -20.21 -2.94
N SER C 42 8.08 -18.89 -2.87
CA SER C 42 6.88 -18.19 -3.27
C SER C 42 7.09 -17.37 -4.53
N TYR C 43 6.02 -17.17 -5.28
CA TYR C 43 6.05 -16.51 -6.58
C TYR C 43 5.21 -15.24 -6.53
N ALA C 44 5.63 -14.24 -7.30
CA ALA C 44 4.89 -12.99 -7.37
C ALA C 44 3.77 -13.10 -8.40
N LEU C 45 2.60 -12.59 -8.04
CA LEU C 45 1.45 -12.54 -8.93
C LEU C 45 0.81 -11.21 -8.60
N GLY C 46 1.07 -10.18 -9.42
CA GLY C 46 0.63 -8.84 -9.10
C GLY C 46 1.19 -8.47 -7.75
N PRO C 47 0.34 -7.96 -6.85
CA PRO C 47 0.82 -7.53 -5.54
C PRO C 47 1.03 -8.66 -4.55
N TYR C 48 0.65 -9.90 -4.90
CA TYR C 48 0.59 -11.02 -3.96
C TYR C 48 1.78 -11.95 -4.13
N GLN C 49 2.07 -12.64 -3.05
CA GLN C 49 3.16 -13.58 -2.92
C GLN C 49 2.53 -14.91 -2.52
N ILE C 50 2.62 -15.89 -3.42
CA ILE C 50 1.92 -17.16 -3.36
C ILE C 50 2.93 -18.29 -3.53
N SER C 51 2.92 -19.23 -2.61
CA SER C 51 3.75 -20.41 -2.74
C SER C 51 2.82 -21.60 -3.03
N ALA C 52 3.39 -22.79 -3.24
CA ALA C 52 2.59 -23.92 -3.76
C ALA C 52 1.49 -24.33 -2.79
N PRO C 53 0.24 -24.47 -3.24
CA PRO C 53 -0.82 -24.97 -2.36
C PRO C 53 -0.71 -26.48 -2.22
N GLN C 54 -1.51 -27.04 -1.33
CA GLN C 54 -1.54 -28.50 -1.26
C GLN C 54 -2.31 -29.07 -2.46
N LEU C 55 -1.90 -30.25 -2.91
CA LEU C 55 -2.45 -30.87 -4.11
C LEU C 55 -2.54 -32.38 -3.91
N PRO C 56 -3.51 -33.04 -4.54
CA PRO C 56 -3.57 -34.50 -4.46
C PRO C 56 -2.26 -35.11 -4.93
N ALA C 57 -2.02 -36.32 -4.44
CA ALA C 57 -0.92 -37.13 -4.93
C ALA C 57 -1.23 -37.50 -6.37
N TYR C 58 -0.20 -37.52 -7.19
CA TYR C 58 -0.36 -37.66 -8.62
C TYR C 58 -0.67 -39.11 -8.93
N ASN C 59 -1.65 -39.32 -9.77
CA ASN C 59 -2.11 -40.68 -10.07
C ASN C 59 -2.29 -40.88 -11.56
N GLY C 60 -1.61 -40.08 -12.38
CA GLY C 60 -1.70 -40.17 -13.81
C GLY C 60 -2.61 -39.15 -14.44
N GLN C 61 -3.45 -38.49 -13.64
CA GLN C 61 -4.20 -37.30 -14.04
C GLN C 61 -3.57 -36.11 -13.32
N THR C 62 -3.17 -35.09 -14.08
CA THR C 62 -2.63 -33.88 -13.47
C THR C 62 -3.72 -33.01 -12.84
N VAL C 63 -3.43 -32.50 -11.63
CA VAL C 63 -4.30 -31.55 -10.94
C VAL C 63 -3.48 -30.31 -10.62
N GLY C 64 -4.12 -29.16 -10.70
CA GLY C 64 -3.43 -27.95 -10.33
C GLY C 64 -4.40 -26.86 -9.95
N THR C 65 -3.85 -25.82 -9.32
CA THR C 65 -4.57 -24.62 -8.92
C THR C 65 -4.01 -23.42 -9.69
N PHE C 66 -4.90 -22.60 -10.22
CA PHE C 66 -4.53 -21.44 -11.01
C PHE C 66 -4.96 -20.18 -10.25
N TYR C 67 -3.99 -19.29 -10.02
CA TYR C 67 -4.29 -18.02 -9.40
C TYR C 67 -4.21 -16.92 -10.44
N TYR C 68 -5.03 -15.89 -10.24
CA TYR C 68 -5.06 -14.72 -11.11
C TYR C 68 -5.68 -13.59 -10.29
N VAL C 69 -5.52 -12.36 -10.79
CA VAL C 69 -6.06 -11.17 -10.15
C VAL C 69 -7.24 -10.69 -11.00
N ASN C 70 -8.33 -10.33 -10.35
CA ASN C 70 -9.51 -9.89 -11.07
C ASN C 70 -9.42 -8.38 -11.34
N ASP C 71 -10.48 -7.79 -11.87
CA ASP C 71 -10.40 -6.39 -12.29
C ASP C 71 -10.40 -5.43 -11.12
N ALA C 72 -10.86 -5.86 -9.94
CA ALA C 72 -10.85 -5.05 -8.73
C ALA C 72 -9.56 -5.21 -7.92
N GLY C 73 -8.56 -5.91 -8.47
CA GLY C 73 -7.32 -6.15 -7.76
C GLY C 73 -7.37 -7.28 -6.75
N GLY C 74 -8.48 -8.03 -6.69
CA GLY C 74 -8.59 -9.15 -5.78
C GLY C 74 -8.03 -10.45 -6.34
N LEU C 75 -7.57 -11.31 -5.42
CA LEU C 75 -6.98 -12.61 -5.71
C LEU C 75 -8.05 -13.67 -5.86
N GLU C 76 -7.88 -14.54 -6.85
CA GLU C 76 -8.86 -15.56 -7.20
C GLU C 76 -8.14 -16.84 -7.57
N SER C 77 -8.84 -17.98 -7.45
CA SER C 77 -8.19 -19.23 -7.82
C SER C 77 -9.21 -20.19 -8.41
N LYS C 78 -8.76 -21.05 -9.32
CA LYS C 78 -9.55 -22.19 -9.78
C LYS C 78 -8.72 -23.45 -9.63
N VAL C 79 -9.41 -24.57 -9.57
CA VAL C 79 -8.79 -25.89 -9.60
C VAL C 79 -9.11 -26.51 -10.94
N PHE C 80 -8.08 -26.97 -11.65
CA PHE C 80 -8.28 -27.64 -12.92
C PHE C 80 -7.67 -29.03 -12.82
N SER C 81 -8.23 -29.96 -13.57
CA SER C 81 -7.63 -31.28 -13.70
C SER C 81 -7.58 -31.64 -15.18
N SER C 82 -6.67 -32.53 -15.53
CA SER C 82 -6.47 -32.88 -16.93
C SER C 82 -7.52 -33.91 -17.35
N GLY C 83 -7.69 -34.06 -18.66
CA GLY C 83 -8.45 -35.17 -19.21
C GLY C 83 -9.89 -34.92 -19.62
N GLY C 84 -10.37 -33.68 -19.57
CA GLY C 84 -11.76 -33.45 -19.89
C GLY C 84 -12.02 -33.08 -21.33
N PRO C 85 -13.27 -32.75 -21.66
CA PRO C 85 -13.53 -32.13 -22.95
C PRO C 85 -12.95 -30.72 -23.00
N THR C 86 -12.78 -30.23 -24.21
CA THR C 86 -12.13 -28.95 -24.44
C THR C 86 -12.71 -28.37 -25.71
N PRO C 87 -12.73 -27.04 -25.84
CA PRO C 87 -13.11 -26.43 -27.14
C PRO C 87 -12.04 -26.53 -28.21
N TYR C 88 -10.83 -26.99 -27.91
CA TYR C 88 -9.76 -27.03 -28.90
C TYR C 88 -9.07 -28.39 -28.86
N PRO C 89 -9.77 -29.44 -29.28
CA PRO C 89 -9.14 -30.77 -29.25
C PRO C 89 -8.05 -30.96 -30.30
N ASN C 90 -7.78 -29.95 -31.14
CA ASN C 90 -6.59 -30.04 -31.98
C ASN C 90 -5.33 -29.86 -31.19
N TYR C 91 -5.34 -28.98 -30.20
CA TYR C 91 -4.17 -28.69 -29.41
C TYR C 91 -4.12 -29.70 -28.27
N ALA C 92 -3.10 -30.55 -28.28
CA ALA C 92 -2.96 -31.60 -27.29
C ALA C 92 -3.00 -31.04 -25.87
N ASN C 93 -2.56 -29.81 -25.68
CA ASN C 93 -2.49 -29.26 -24.32
C ASN C 93 -3.75 -28.48 -23.94
N ALA C 94 -4.74 -28.35 -24.82
CA ALA C 94 -5.90 -27.52 -24.46
C ALA C 94 -6.61 -28.02 -23.21
N GLY C 95 -6.57 -29.32 -22.94
CA GLY C 95 -7.18 -29.87 -21.77
C GLY C 95 -6.28 -30.09 -20.59
N HIS C 96 -4.97 -29.82 -20.71
CA HIS C 96 -4.11 -29.84 -19.54
C HIS C 96 -4.46 -28.69 -18.59
N VAL C 97 -3.88 -28.74 -17.39
CA VAL C 97 -4.10 -27.69 -16.40
C VAL C 97 -3.65 -26.34 -16.95
N GLU C 98 -2.46 -26.29 -17.57
CA GLU C 98 -1.92 -25.08 -18.17
C GLU C 98 -2.85 -24.57 -19.26
N GLY C 99 -3.34 -25.49 -20.11
CA GLY C 99 -4.20 -25.12 -21.21
C GLY C 99 -5.52 -24.52 -20.75
N GLN C 100 -6.15 -25.14 -19.74
CA GLN C 100 -7.41 -24.55 -19.26
C GLN C 100 -7.16 -23.21 -18.59
N SER C 101 -6.03 -23.06 -17.90
CA SER C 101 -5.65 -21.76 -17.36
C SER C 101 -5.44 -20.72 -18.48
N ALA C 102 -4.61 -21.05 -19.48
CA ALA C 102 -4.44 -20.18 -20.63
C ALA C 102 -5.78 -19.79 -21.24
N LEU C 103 -6.66 -20.78 -21.55
CA LEU C 103 -7.91 -20.42 -22.22
C LEU C 103 -8.83 -19.63 -21.29
N PHE C 104 -8.77 -19.87 -19.99
CA PHE C 104 -9.51 -19.05 -19.04
C PHE C 104 -9.01 -17.62 -19.07
N MSE C 105 -7.71 -17.44 -19.23
CA MSE C 105 -7.19 -16.09 -19.34
C MSE C 105 -7.65 -15.39 -20.62
O MSE C 105 -8.09 -14.22 -20.56
CB MSE C 105 -5.68 -16.12 -19.27
CG MSE C 105 -5.20 -16.35 -17.85
SE MSE C 105 -3.23 -16.57 -17.76
CE MSE C 105 -2.67 -14.69 -18.12
N ARG C 106 -7.57 -16.10 -21.77
CA ARG C 106 -8.06 -15.54 -23.02
C ARG C 106 -9.57 -15.23 -22.95
N ASP C 107 -10.33 -16.12 -22.31
CA ASP C 107 -11.78 -15.95 -22.23
C ASP C 107 -12.18 -14.78 -21.35
N ASN C 108 -11.36 -14.43 -20.36
CA ASN C 108 -11.78 -13.50 -19.31
C ASN C 108 -10.94 -12.24 -19.31
N GLY C 109 -10.25 -11.95 -20.42
CA GLY C 109 -9.34 -10.83 -20.49
C GLY C 109 -8.37 -10.72 -19.33
N ILE C 110 -7.82 -11.85 -18.89
CA ILE C 110 -6.85 -11.79 -17.80
C ILE C 110 -5.46 -11.66 -18.38
N SER C 111 -4.58 -10.94 -17.71
CA SER C 111 -3.27 -10.73 -18.29
C SER C 111 -2.10 -11.24 -17.44
N GLU C 112 -2.34 -11.66 -16.20
CA GLU C 112 -1.31 -12.27 -15.39
C GLU C 112 -1.89 -13.41 -14.55
N GLY C 113 -1.34 -14.63 -14.73
CA GLY C 113 -1.78 -15.79 -13.98
C GLY C 113 -0.61 -16.61 -13.47
N LEU C 114 -0.92 -17.51 -12.54
CA LEU C 114 0.09 -18.37 -11.91
C LEU C 114 -0.51 -19.77 -11.69
N VAL C 115 0.16 -20.82 -12.17
CA VAL C 115 -0.34 -22.20 -12.05
C VAL C 115 0.68 -23.07 -11.33
N PHE C 116 0.20 -23.83 -10.35
CA PHE C 116 0.94 -24.93 -9.74
C PHE C 116 0.25 -26.22 -10.13
N HIS C 117 1.02 -27.23 -10.55
CA HIS C 117 0.43 -28.53 -10.84
C HIS C 117 1.27 -29.60 -10.15
N ASN C 118 0.77 -30.83 -10.21
CA ASN C 118 1.32 -31.92 -9.42
C ASN C 118 1.99 -33.01 -10.26
N ASN C 119 2.21 -32.78 -11.56
CA ASN C 119 2.84 -33.82 -12.38
C ASN C 119 4.34 -33.97 -12.05
N PRO C 120 4.79 -35.10 -11.51
CA PRO C 120 6.21 -35.21 -11.16
C PRO C 120 7.13 -35.32 -12.36
N GLU C 121 6.58 -35.53 -13.56
CA GLU C 121 7.34 -35.48 -14.80
C GLU C 121 7.41 -34.06 -15.37
N GLY C 122 6.89 -33.07 -14.65
CA GLY C 122 7.02 -31.68 -15.01
C GLY C 122 5.99 -31.26 -16.03
N THR C 123 6.25 -30.10 -16.63
CA THR C 123 5.42 -29.50 -17.67
C THR C 123 5.82 -30.10 -19.01
N CYS C 124 4.85 -30.63 -19.75
CA CYS C 124 5.19 -31.43 -20.91
C CYS C 124 5.53 -30.55 -22.13
N GLY C 125 6.02 -31.21 -23.19
CA GLY C 125 6.52 -30.49 -24.36
C GLY C 125 5.45 -29.78 -25.17
N PHE C 126 4.29 -30.42 -25.35
CA PHE C 126 3.11 -29.74 -25.85
C PHE C 126 2.84 -28.42 -25.14
N CYS C 127 2.88 -28.42 -23.80
CA CYS C 127 2.62 -27.17 -23.09
C CYS C 127 3.72 -26.18 -23.34
N VAL C 128 4.97 -26.64 -23.26
CA VAL C 128 6.10 -25.75 -23.51
C VAL C 128 5.97 -25.08 -24.87
N ASN C 129 5.49 -25.82 -25.88
CA ASN C 129 5.49 -25.29 -27.23
C ASN C 129 4.17 -24.67 -27.69
N MSE C 130 3.05 -24.98 -27.03
CA MSE C 130 1.77 -24.46 -27.54
C MSE C 130 1.14 -23.37 -26.67
O MSE C 130 0.27 -22.62 -27.13
CB MSE C 130 0.75 -25.58 -27.71
CG MSE C 130 1.15 -26.54 -28.78
SE MSE C 130 -0.03 -28.10 -29.08
CE MSE C 130 -0.02 -28.83 -27.36
N THR C 131 1.58 -23.29 -25.41
CA THR C 131 0.85 -22.49 -24.43
C THR C 131 0.81 -21.01 -24.81
N GLU C 132 1.86 -20.49 -25.45
CA GLU C 132 1.85 -19.09 -25.88
C GLU C 132 0.89 -18.84 -27.06
N THR C 133 0.57 -19.85 -27.86
CA THR C 133 -0.51 -19.70 -28.81
C THR C 133 -1.85 -19.58 -28.10
N LEU C 134 -2.11 -20.49 -27.13
CA LEU C 134 -3.36 -20.48 -26.38
C LEU C 134 -3.54 -19.16 -25.66
N LEU C 135 -2.46 -18.64 -25.08
CA LEU C 135 -2.50 -17.37 -24.36
C LEU C 135 -2.87 -16.22 -25.29
N PRO C 136 -3.59 -15.24 -24.80
CA PRO C 136 -3.76 -14.02 -25.60
C PRO C 136 -2.46 -13.22 -25.63
N GLU C 137 -2.28 -12.47 -26.70
CA GLU C 137 -1.01 -11.77 -26.92
C GLU C 137 -0.64 -10.97 -25.69
N ASN C 138 0.58 -11.19 -25.19
CA ASN C 138 1.27 -10.45 -24.14
C ASN C 138 0.86 -10.88 -22.73
N ALA C 139 -0.20 -11.68 -22.57
CA ALA C 139 -0.52 -12.24 -21.26
C ALA C 139 0.66 -13.07 -20.71
N LYS C 140 0.97 -12.85 -19.45
CA LYS C 140 2.03 -13.57 -18.76
C LYS C 140 1.42 -14.70 -17.91
N MSE C 141 2.02 -15.89 -18.03
CA MSE C 141 1.60 -17.02 -17.19
C MSE C 141 2.74 -17.86 -16.63
O MSE C 141 3.57 -18.35 -17.38
CB MSE C 141 0.63 -17.91 -17.94
CG MSE C 141 -0.18 -18.74 -16.95
SE MSE C 141 -1.35 -20.17 -17.78
CE MSE C 141 -1.95 -19.12 -19.08
N THR C 142 2.78 -18.04 -15.32
CA THR C 142 3.85 -18.82 -14.71
C THR C 142 3.34 -20.21 -14.37
N VAL C 143 4.03 -21.24 -14.86
CA VAL C 143 3.68 -22.64 -14.57
C VAL C 143 4.77 -23.24 -13.70
N VAL C 144 4.36 -23.77 -12.56
CA VAL C 144 5.24 -24.24 -11.49
C VAL C 144 5.02 -25.74 -11.29
N PRO C 145 5.91 -26.60 -11.78
CA PRO C 145 5.78 -28.04 -11.50
C PRO C 145 6.06 -28.32 -10.04
N PRO C 146 5.85 -29.55 -9.59
CA PRO C 146 6.17 -29.84 -8.19
C PRO C 146 7.68 -29.93 -7.99
N GLU C 147 8.13 -29.52 -6.81
CA GLU C 147 9.54 -29.60 -6.46
C GLU C 147 10.10 -31.00 -6.72
N GLY C 148 11.30 -31.05 -7.30
CA GLY C 148 11.93 -32.32 -7.61
C GLY C 148 11.37 -33.00 -8.83
N ALA C 149 10.63 -32.27 -9.66
CA ALA C 149 10.11 -32.87 -10.87
C ALA C 149 11.27 -33.20 -11.79
N ILE C 150 11.23 -34.40 -12.37
CA ILE C 150 12.21 -34.85 -13.35
C ILE C 150 11.44 -35.15 -14.63
N PRO C 151 11.71 -34.46 -15.73
CA PRO C 151 11.05 -34.82 -16.99
C PRO C 151 11.51 -36.20 -17.45
N VAL C 152 10.64 -36.87 -18.18
CA VAL C 152 10.94 -38.20 -18.72
C VAL C 152 10.63 -38.28 -20.21
N LYS C 153 10.13 -37.21 -20.81
CA LYS C 153 9.98 -37.08 -22.25
C LYS C 153 10.78 -35.88 -22.70
N ARG C 154 11.53 -36.04 -23.80
CA ARG C 154 12.27 -34.92 -24.35
C ARG C 154 11.33 -33.76 -24.65
N GLY C 155 11.81 -32.54 -24.44
CA GLY C 155 11.02 -31.36 -24.63
C GLY C 155 10.29 -30.87 -23.40
N ALA C 156 10.07 -31.75 -22.42
CA ALA C 156 9.45 -31.33 -21.17
C ALA C 156 10.49 -30.77 -20.21
N THR C 157 10.02 -29.98 -19.26
CA THR C 157 10.88 -29.39 -18.26
C THR C 157 10.29 -29.62 -16.88
N GLY C 158 11.17 -29.83 -15.90
CA GLY C 158 10.86 -29.84 -14.50
C GLY C 158 11.16 -28.54 -13.80
N GLU C 159 11.50 -27.50 -14.55
CA GLU C 159 11.70 -26.17 -13.99
C GLU C 159 10.49 -25.28 -14.25
N THR C 160 10.43 -24.18 -13.51
CA THR C 160 9.34 -23.24 -13.63
C THR C 160 9.49 -22.52 -14.95
N LYS C 161 8.39 -22.33 -15.70
CA LYS C 161 8.43 -21.54 -16.93
C LYS C 161 7.47 -20.36 -16.88
N VAL C 162 7.95 -19.23 -17.39
CA VAL C 162 7.16 -18.02 -17.58
C VAL C 162 6.83 -17.91 -19.05
N PHE C 163 5.55 -18.09 -19.39
CA PHE C 163 5.08 -17.95 -20.76
C PHE C 163 4.52 -16.55 -21.01
N THR C 164 4.84 -15.99 -22.18
CA THR C 164 4.23 -14.77 -22.67
C THR C 164 3.42 -15.08 -23.93
N GLY C 165 2.15 -14.69 -23.94
CA GLY C 165 1.28 -15.03 -25.06
C GLY C 165 1.73 -14.34 -26.35
N ASN C 166 1.84 -15.11 -27.45
CA ASN C 166 2.15 -14.55 -28.76
C ASN C 166 0.86 -14.16 -29.50
N SER C 167 1.04 -13.75 -30.76
CA SER C 167 -0.05 -13.26 -31.61
C SER C 167 -0.90 -14.39 -32.17
N ASN C 168 -0.36 -15.59 -32.33
CA ASN C 168 -1.16 -16.68 -32.85
C ASN C 168 -2.29 -16.94 -31.88
N SER C 169 -3.43 -17.30 -32.44
CA SER C 169 -4.61 -17.68 -31.71
C SER C 169 -5.01 -19.07 -32.17
N PRO C 170 -5.62 -19.85 -31.33
CA PRO C 170 -5.84 -21.26 -31.69
C PRO C 170 -6.82 -21.36 -32.87
N LYS C 171 -6.52 -22.30 -33.76
CA LYS C 171 -7.33 -22.51 -34.95
C LYS C 171 -8.59 -23.29 -34.58
N SER C 172 -9.70 -22.94 -35.21
CA SER C 172 -10.94 -23.70 -35.10
C SER C 172 -10.71 -25.16 -35.50
N PRO C 173 -11.15 -26.13 -34.70
CA PRO C 173 -11.34 -27.49 -35.21
C PRO C 173 -12.65 -27.61 -36.01
N MSE D 1 18.96 -41.55 -32.36
CA MSE D 1 17.73 -40.77 -32.15
C MSE D 1 17.07 -41.18 -30.84
O MSE D 1 16.96 -42.39 -30.55
CB MSE D 1 16.74 -40.97 -33.30
CG MSE D 1 15.48 -40.11 -33.20
SE MSE D 1 13.95 -40.56 -34.45
CE MSE D 1 13.26 -42.20 -33.58
N TYR D 2 16.66 -40.19 -30.04
CA TYR D 2 15.90 -40.47 -28.82
C TYR D 2 14.49 -40.93 -29.18
N ALA D 3 14.03 -41.98 -28.50
CA ALA D 3 12.68 -42.51 -28.65
C ALA D 3 12.07 -42.73 -27.27
N ASP D 4 10.95 -42.06 -27.00
CA ASP D 4 10.26 -42.07 -25.71
C ASP D 4 8.85 -42.64 -25.84
N ASP D 5 8.49 -43.54 -24.94
CA ASP D 5 7.12 -44.05 -24.88
C ASP D 5 6.71 -44.15 -23.40
N PHE D 6 5.58 -44.83 -23.15
CA PHE D 6 5.06 -45.03 -21.81
C PHE D 6 6.14 -45.49 -20.82
N ASP D 7 7.10 -46.29 -21.28
CA ASP D 7 8.06 -46.91 -20.37
C ASP D 7 9.39 -46.18 -20.28
N GLY D 8 9.55 -45.05 -20.93
CA GLY D 8 10.79 -44.34 -20.87
C GLY D 8 11.49 -44.28 -22.21
N GLU D 9 12.80 -44.05 -22.14
CA GLU D 9 13.59 -43.67 -23.30
C GLU D 9 14.52 -44.80 -23.74
N ILE D 10 14.65 -44.94 -25.06
CA ILE D 10 15.73 -45.69 -25.67
C ILE D 10 16.28 -44.81 -26.79
N GLU D 11 17.45 -45.22 -27.30
CA GLU D 11 18.05 -44.62 -28.48
C GLU D 11 17.99 -45.60 -29.65
N ILE D 12 17.74 -45.08 -30.84
CA ILE D 12 17.51 -45.91 -32.01
C ILE D 12 18.40 -45.44 -33.16
N ASP D 13 19.10 -46.39 -33.79
CA ASP D 13 19.99 -46.10 -34.92
C ASP D 13 19.53 -46.64 -36.26
N GLU D 14 18.63 -47.63 -36.29
CA GLU D 14 18.22 -48.22 -37.56
C GLU D 14 16.70 -48.22 -37.68
N VAL D 15 16.22 -48.05 -38.91
CA VAL D 15 14.80 -47.81 -39.12
C VAL D 15 13.98 -49.03 -38.74
N ASP D 16 14.53 -50.23 -38.89
CA ASP D 16 13.76 -51.45 -38.65
C ASP D 16 13.45 -51.68 -37.18
N SER D 17 14.25 -51.14 -36.26
CA SER D 17 13.96 -51.29 -34.84
C SER D 17 13.08 -50.17 -34.31
N LEU D 18 13.15 -48.98 -34.94
CA LEU D 18 12.12 -47.98 -34.75
C LEU D 18 10.75 -48.57 -35.04
N VAL D 19 10.63 -49.32 -36.14
CA VAL D 19 9.36 -49.87 -36.55
C VAL D 19 8.83 -50.85 -35.50
N GLU D 20 9.73 -51.65 -34.90
CA GLU D 20 9.34 -52.52 -33.79
C GLU D 20 8.89 -51.70 -32.59
N PHE D 21 9.70 -50.72 -32.18
CA PHE D 21 9.39 -49.87 -31.04
C PHE D 21 8.03 -49.21 -31.16
N LEU D 22 7.65 -48.80 -32.37
CA LEU D 22 6.38 -48.12 -32.57
C LEU D 22 5.18 -49.06 -32.53
N SER D 23 5.42 -50.35 -32.45
CA SER D 23 4.36 -51.32 -32.26
C SER D 23 4.08 -51.58 -30.80
N ARG D 24 4.88 -51.02 -29.89
CA ARG D 24 4.66 -51.24 -28.48
C ARG D 24 3.38 -50.55 -28.04
N ARG D 25 2.56 -51.28 -27.27
CA ARG D 25 1.34 -50.74 -26.67
C ARG D 25 1.32 -51.16 -25.21
N PRO D 26 2.13 -50.52 -24.36
CA PRO D 26 2.36 -51.06 -23.00
C PRO D 26 1.11 -51.11 -22.14
N ALA D 27 0.22 -50.14 -22.25
CA ALA D 27 -0.98 -50.10 -21.43
C ALA D 27 -2.14 -49.60 -22.26
N PHE D 28 -3.35 -50.05 -21.94
CA PHE D 28 -4.58 -49.57 -22.56
C PHE D 28 -4.59 -49.75 -24.08
N ASP D 29 -3.84 -50.72 -24.60
CA ASP D 29 -3.71 -50.89 -26.04
C ASP D 29 -3.30 -49.57 -26.69
N ALA D 30 -2.37 -48.86 -26.05
CA ALA D 30 -2.11 -47.45 -26.36
C ALA D 30 -0.64 -47.13 -26.12
N ASN D 31 -0.22 -45.99 -26.63
CA ASN D 31 1.09 -45.47 -26.30
C ASN D 31 1.12 -44.03 -26.74
N ASN D 32 2.12 -43.31 -26.22
CA ASN D 32 2.45 -41.94 -26.60
C ASN D 32 3.94 -41.92 -26.90
N PHE D 33 4.31 -41.72 -28.17
CA PHE D 33 5.70 -41.70 -28.62
C PHE D 33 6.22 -40.27 -28.75
N VAL D 34 7.43 -40.02 -28.27
CA VAL D 34 8.18 -38.81 -28.60
C VAL D 34 9.46 -39.23 -29.31
N LEU D 35 9.65 -38.75 -30.54
CA LEU D 35 10.86 -38.99 -31.32
C LEU D 35 11.59 -37.67 -31.53
N THR D 36 12.88 -37.66 -31.24
CA THR D 36 13.65 -36.44 -31.44
C THR D 36 15.12 -36.77 -31.58
N PHE D 37 15.82 -35.90 -32.29
CA PHE D 37 17.26 -36.03 -32.37
C PHE D 37 17.97 -35.05 -31.45
N GLU D 38 17.25 -34.05 -30.96
CA GLU D 38 17.83 -32.99 -30.14
C GLU D 38 17.61 -33.27 -28.66
N GLU D 39 18.64 -32.98 -27.86
CA GLU D 39 18.52 -33.11 -26.41
C GLU D 39 17.44 -32.20 -25.86
N SER D 40 17.27 -31.01 -26.44
CA SER D 40 16.20 -30.08 -26.04
C SER D 40 14.80 -30.59 -26.43
N GLY D 41 14.71 -31.68 -27.19
CA GLY D 41 13.44 -32.21 -27.63
C GLY D 41 12.82 -31.54 -28.84
N PHE D 42 13.43 -30.49 -29.40
CA PHE D 42 12.82 -29.83 -30.55
C PHE D 42 13.81 -29.74 -31.69
N PRO D 43 13.41 -30.10 -32.93
CA PRO D 43 12.07 -30.60 -33.28
C PRO D 43 11.76 -31.99 -32.77
N GLN D 44 10.48 -32.35 -32.73
CA GLN D 44 10.08 -33.70 -32.35
C GLN D 44 8.84 -34.09 -33.12
N LEU D 45 8.69 -35.39 -33.31
CA LEU D 45 7.43 -36.04 -33.67
C LEU D 45 6.81 -36.59 -32.39
N ASN D 46 5.57 -36.20 -32.11
CA ASN D 46 4.86 -36.65 -30.91
C ASN D 46 3.57 -37.36 -31.33
N ILE D 47 3.51 -38.65 -31.03
CA ILE D 47 2.51 -39.57 -31.57
C ILE D 47 1.65 -40.08 -30.41
N PHE D 48 0.32 -40.01 -30.57
CA PHE D 48 -0.63 -40.74 -29.71
C PHE D 48 -1.17 -41.92 -30.52
N ALA D 49 -1.14 -43.10 -29.93
CA ALA D 49 -1.55 -44.30 -30.64
C ALA D 49 -2.52 -45.10 -29.79
N LYS D 50 -3.55 -45.64 -30.43
CA LYS D 50 -4.51 -46.53 -29.75
C LYS D 50 -5.15 -47.40 -30.82
N ASN D 51 -5.23 -48.71 -30.53
CA ASN D 51 -5.76 -49.71 -31.46
C ASN D 51 -5.05 -49.48 -32.80
N ASP D 52 -5.80 -49.32 -33.90
CA ASP D 52 -5.28 -49.17 -35.26
C ASP D 52 -4.96 -47.73 -35.62
N ILE D 53 -5.15 -46.78 -34.71
CA ILE D 53 -5.28 -45.39 -35.10
C ILE D 53 -4.28 -44.53 -34.33
N ALA D 54 -4.09 -43.30 -34.80
CA ALA D 54 -3.08 -42.43 -34.22
C ALA D 54 -3.39 -40.97 -34.53
N VAL D 55 -2.76 -40.10 -33.74
CA VAL D 55 -2.64 -38.68 -34.03
C VAL D 55 -1.17 -38.31 -33.94
N VAL D 56 -0.68 -37.62 -34.95
CA VAL D 56 0.75 -37.29 -35.07
C VAL D 56 0.90 -35.78 -35.03
N TYR D 57 1.74 -35.29 -34.11
CA TYR D 57 2.13 -33.90 -34.08
C TYR D 57 3.58 -33.79 -34.48
N TYR D 58 3.91 -32.67 -35.10
CA TYR D 58 5.29 -32.28 -35.35
C TYR D 58 5.48 -30.92 -34.73
N MSE D 59 6.47 -30.79 -33.86
CA MSE D 59 6.74 -29.52 -33.23
C MSE D 59 8.19 -29.13 -33.33
O MSE D 59 9.08 -29.96 -33.34
CB MSE D 59 6.35 -29.52 -31.75
CG MSE D 59 4.96 -30.04 -31.48
SE MSE D 59 4.49 -29.76 -29.57
CE MSE D 59 5.12 -31.50 -28.87
N ASP D 60 8.39 -27.81 -33.32
CA ASP D 60 9.69 -27.18 -33.33
C ASP D 60 9.47 -25.74 -32.84
N ILE D 61 10.58 -25.09 -32.47
CA ILE D 61 10.52 -23.70 -32.05
C ILE D 61 9.78 -22.87 -33.10
N GLY D 62 8.64 -22.31 -32.72
CA GLY D 62 7.88 -21.51 -33.64
C GLY D 62 6.91 -22.26 -34.53
N GLU D 63 6.89 -23.58 -34.53
CA GLU D 63 5.94 -24.24 -35.41
C GLU D 63 5.29 -25.45 -34.74
N ASN D 64 3.99 -25.59 -34.96
CA ASN D 64 3.20 -26.69 -34.43
C ASN D 64 2.32 -27.23 -35.55
N PHE D 65 2.39 -28.54 -35.80
CA PHE D 65 1.54 -29.14 -36.80
C PHE D 65 0.87 -30.40 -36.27
N VAL D 66 -0.35 -30.67 -36.75
CA VAL D 66 -1.05 -31.90 -36.40
C VAL D 66 -1.52 -32.60 -37.68
N SER D 67 -1.49 -33.93 -37.65
CA SER D 67 -1.96 -34.70 -38.78
C SER D 67 -3.42 -34.37 -39.10
N LYS D 68 -3.74 -34.37 -40.39
CA LYS D 68 -5.12 -34.25 -40.86
C LYS D 68 -5.53 -35.55 -41.53
N GLY D 69 -6.66 -36.12 -41.07
CA GLY D 69 -7.14 -37.39 -41.54
C GLY D 69 -8.37 -37.28 -42.42
N ASN D 70 -9.13 -38.37 -42.47
CA ASN D 70 -10.24 -38.47 -43.40
C ASN D 70 -11.58 -38.06 -42.80
N SER D 71 -11.74 -38.16 -41.49
CA SER D 71 -12.97 -37.67 -40.87
C SER D 71 -12.90 -36.14 -40.78
N GLY D 74 -16.93 -34.21 -37.63
CA GLY D 74 -15.91 -34.81 -36.78
C GLY D 74 -15.96 -34.38 -35.32
N GLY D 75 -15.96 -35.34 -34.40
CA GLY D 75 -15.95 -35.05 -32.97
C GLY D 75 -14.59 -35.25 -32.30
N THR D 76 -14.56 -35.99 -31.18
CA THR D 76 -13.31 -36.28 -30.50
C THR D 76 -13.16 -37.78 -30.22
N GLU D 77 -11.91 -38.15 -30.00
CA GLU D 77 -11.48 -39.51 -29.70
C GLU D 77 -10.54 -39.45 -28.50
N LYS D 78 -10.54 -40.52 -27.72
CA LYS D 78 -9.80 -40.57 -26.47
C LYS D 78 -8.44 -41.19 -26.70
N PHE D 79 -7.41 -40.59 -26.15
CA PHE D 79 -6.07 -41.19 -26.24
C PHE D 79 -5.44 -41.12 -24.85
N TYR D 80 -4.35 -41.86 -24.66
CA TYR D 80 -3.71 -41.97 -23.36
C TYR D 80 -2.31 -41.35 -23.39
N GLU D 81 -1.95 -40.66 -22.30
CA GLU D 81 -0.66 -39.98 -22.14
C GLU D 81 0.36 -40.75 -21.33
N ASN D 82 -0.07 -41.67 -20.47
CA ASN D 82 0.85 -42.38 -19.59
C ASN D 82 0.25 -43.73 -19.25
N LYS D 83 1.11 -44.64 -18.78
CA LYS D 83 0.64 -45.97 -18.47
C LYS D 83 -0.23 -46.00 -17.23
N LEU D 84 -0.30 -44.90 -16.49
CA LEU D 84 -1.20 -44.76 -15.35
C LEU D 84 -2.65 -44.47 -15.75
N GLY D 85 -2.95 -44.23 -17.02
CA GLY D 85 -4.31 -44.03 -17.45
C GLY D 85 -4.75 -42.59 -17.69
N GLY D 86 -3.83 -41.63 -17.67
CA GLY D 86 -4.21 -40.26 -17.97
C GLY D 86 -4.67 -40.12 -19.40
N GLU D 87 -5.83 -39.49 -19.59
CA GLU D 87 -6.46 -39.48 -20.89
C GLU D 87 -6.36 -38.09 -21.48
N VAL D 88 -6.44 -38.02 -22.80
CA VAL D 88 -6.51 -36.75 -23.51
C VAL D 88 -7.55 -36.90 -24.62
N ASP D 89 -8.29 -35.82 -24.90
CA ASP D 89 -9.39 -35.82 -25.88
C ASP D 89 -8.90 -35.12 -27.15
N LEU D 90 -8.62 -35.89 -28.22
CA LEU D 90 -8.09 -35.36 -29.47
C LEU D 90 -9.15 -35.34 -30.56
N SER D 91 -8.95 -34.45 -31.53
CA SER D 91 -9.92 -34.22 -32.60
C SER D 91 -10.01 -35.42 -33.54
N LYS D 92 -11.23 -35.93 -33.76
CA LYS D 92 -11.42 -37.02 -34.70
C LYS D 92 -10.92 -36.64 -36.10
N ASP D 93 -10.84 -35.34 -36.40
CA ASP D 93 -10.37 -34.90 -37.71
C ASP D 93 -8.88 -35.14 -37.92
N CYS D 94 -8.14 -35.41 -36.85
CA CYS D 94 -6.70 -35.61 -36.93
C CYS D 94 -6.30 -37.07 -36.92
N VAL D 95 -7.25 -37.98 -36.81
CA VAL D 95 -6.90 -39.39 -36.69
C VAL D 95 -6.47 -39.94 -38.04
N VAL D 96 -5.30 -40.59 -38.05
CA VAL D 96 -4.77 -41.32 -39.20
C VAL D 96 -4.72 -42.80 -38.83
N SER D 97 -4.42 -43.63 -39.82
CA SER D 97 -4.18 -45.04 -39.55
C SER D 97 -2.81 -45.27 -38.90
N LYS D 98 -2.71 -46.44 -38.23
CA LYS D 98 -1.46 -46.95 -37.70
C LYS D 98 -0.34 -46.93 -38.73
N GLU D 99 -0.68 -47.28 -39.97
CA GLU D 99 0.33 -47.41 -41.00
C GLU D 99 0.77 -46.05 -41.51
N GLN D 100 -0.17 -45.11 -41.68
CA GLN D 100 0.24 -43.77 -42.09
C GLN D 100 1.18 -43.19 -41.05
N MSE D 101 1.00 -43.58 -39.80
CA MSE D 101 1.77 -43.10 -38.69
C MSE D 101 3.20 -43.69 -38.72
O MSE D 101 4.20 -42.98 -38.59
CB MSE D 101 1.00 -43.45 -37.41
CG MSE D 101 1.68 -43.13 -36.10
SE MSE D 101 3.03 -44.38 -35.46
CE MSE D 101 1.87 -45.60 -34.37
N ILE D 102 3.30 -45.00 -38.94
CA ILE D 102 4.62 -45.60 -39.03
C ILE D 102 5.39 -45.06 -40.23
N GLU D 103 4.69 -44.80 -41.34
CA GLU D 103 5.37 -44.25 -42.50
C GLU D 103 5.86 -42.83 -42.22
N ALA D 104 5.10 -42.06 -41.43
CA ALA D 104 5.54 -40.70 -41.12
C ALA D 104 6.73 -40.71 -40.17
N ALA D 105 6.71 -41.58 -39.15
CA ALA D 105 7.86 -41.69 -38.26
C ALA D 105 9.11 -42.10 -39.05
N LYS D 106 8.96 -43.05 -39.98
CA LYS D 106 10.10 -43.44 -40.80
C LYS D 106 10.69 -42.23 -41.53
N GLN D 107 9.84 -41.33 -42.04
CA GLN D 107 10.35 -40.15 -42.73
C GLN D 107 11.04 -39.18 -41.77
N PHE D 108 10.53 -39.04 -40.54
CA PHE D 108 11.18 -38.15 -39.59
C PHE D 108 12.53 -38.69 -39.19
N PHE D 109 12.62 -40.01 -39.04
CA PHE D 109 13.87 -40.64 -38.71
C PHE D 109 14.87 -40.52 -39.86
N ALA D 110 14.38 -40.47 -41.09
CA ALA D 110 15.26 -40.37 -42.25
C ALA D 110 15.73 -38.94 -42.46
N THR D 111 14.84 -37.95 -42.30
CA THR D 111 15.17 -36.58 -42.66
C THR D 111 15.41 -35.63 -41.50
N LYS D 112 15.14 -36.01 -40.26
CA LYS D 112 15.21 -35.09 -39.13
C LYS D 112 14.34 -33.83 -39.32
N GLN D 113 13.33 -33.90 -40.20
CA GLN D 113 12.46 -32.78 -40.52
C GLN D 113 11.02 -33.28 -40.58
N ARG D 114 10.09 -32.39 -40.92
CA ARG D 114 8.68 -32.76 -40.85
C ARG D 114 8.35 -33.77 -41.94
N PRO D 115 7.65 -34.88 -41.62
CA PRO D 115 7.35 -35.90 -42.64
C PRO D 115 6.50 -35.36 -43.79
N GLU D 116 6.84 -35.76 -45.01
CA GLU D 116 6.16 -35.20 -46.17
C GLU D 116 4.92 -35.98 -46.57
N GLN D 117 4.83 -37.28 -46.27
CA GLN D 117 3.71 -38.07 -46.80
C GLN D 117 2.41 -37.82 -46.05
N LEU D 118 2.48 -37.53 -44.76
CA LEU D 118 1.31 -37.08 -44.03
C LEU D 118 0.81 -35.76 -44.59
N THR D 119 -0.48 -35.51 -44.41
CA THR D 119 -1.02 -34.18 -44.62
C THR D 119 -1.16 -33.47 -43.27
N TRP D 120 -0.86 -32.17 -43.26
CA TRP D 120 -0.72 -31.40 -42.04
C TRP D 120 -1.70 -30.22 -41.99
N SER D 121 -2.23 -29.95 -40.79
CA SER D 121 -2.84 -28.67 -40.43
C SER D 121 -1.90 -27.93 -39.48
N GLU D 122 -1.66 -26.65 -39.74
CA GLU D 122 -0.80 -25.83 -38.88
C GLU D 122 -1.60 -25.21 -37.72
N LEU D 123 -1.05 -25.26 -36.50
CA LEU D 123 -1.74 -24.75 -35.31
C LEU D 123 -1.13 -23.49 -34.69
N SER E 42 3.06 -28.84 14.46
CA SER E 42 2.98 -28.75 15.92
C SER E 42 3.89 -27.67 16.50
N TYR E 43 3.44 -27.08 17.61
CA TYR E 43 4.14 -25.98 18.24
C TYR E 43 4.38 -26.28 19.71
N ALA E 44 5.42 -25.69 20.25
CA ALA E 44 5.84 -25.97 21.62
C ALA E 44 5.15 -25.01 22.59
N LEU E 45 4.61 -25.57 23.66
CA LEU E 45 4.07 -24.80 24.77
C LEU E 45 4.24 -25.69 25.99
N GLY E 46 5.15 -25.28 26.90
CA GLY E 46 5.58 -26.11 27.99
C GLY E 46 5.96 -27.50 27.52
N PRO E 47 5.61 -28.52 28.31
CA PRO E 47 5.90 -29.91 27.92
C PRO E 47 4.99 -30.45 26.84
N TYR E 48 4.00 -29.68 26.39
CA TYR E 48 3.00 -30.16 25.46
C TYR E 48 3.43 -29.83 24.04
N GLN E 49 3.00 -30.68 23.11
CA GLN E 49 3.22 -30.44 21.67
C GLN E 49 1.85 -30.40 21.03
N ILE E 50 1.47 -29.22 20.54
CA ILE E 50 0.11 -28.95 20.08
C ILE E 50 0.15 -28.65 18.58
N SER E 51 -0.70 -29.33 17.83
CA SER E 51 -0.92 -28.95 16.45
C SER E 51 -2.27 -28.25 16.35
N ALA E 52 -2.49 -27.59 15.21
CA ALA E 52 -3.70 -26.80 15.02
C ALA E 52 -4.92 -27.68 15.22
N PRO E 53 -5.96 -27.22 15.92
CA PRO E 53 -7.19 -27.99 16.02
C PRO E 53 -8.08 -27.73 14.81
N GLN E 54 -9.07 -28.61 14.64
CA GLN E 54 -10.12 -28.34 13.67
C GLN E 54 -10.83 -27.07 14.10
N LEU E 55 -10.85 -26.09 13.21
CA LEU E 55 -11.60 -24.86 13.36
C LEU E 55 -12.70 -24.81 12.33
N PRO E 56 -13.77 -24.06 12.56
CA PRO E 56 -14.83 -23.99 11.54
C PRO E 56 -14.31 -23.34 10.27
N ALA E 57 -15.00 -23.60 9.16
CA ALA E 57 -14.62 -22.96 7.92
C ALA E 57 -14.89 -21.48 7.99
N TYR E 58 -13.97 -20.71 7.46
CA TYR E 58 -14.00 -19.27 7.58
C TYR E 58 -15.18 -18.66 6.84
N ASN E 59 -15.89 -17.73 7.49
CA ASN E 59 -17.09 -17.13 6.90
C ASN E 59 -17.13 -15.62 7.08
N GLY E 60 -16.02 -15.00 7.43
CA GLY E 60 -15.95 -13.57 7.63
C GLY E 60 -15.69 -13.17 9.05
N GLN E 61 -15.99 -14.04 10.01
CA GLN E 61 -15.63 -13.87 11.40
C GLN E 61 -14.47 -14.82 11.68
N THR E 62 -13.41 -14.31 12.26
CA THR E 62 -12.30 -15.18 12.61
C THR E 62 -12.60 -15.95 13.90
N VAL E 63 -12.30 -17.23 13.89
CA VAL E 63 -12.48 -18.08 15.05
C VAL E 63 -11.13 -18.72 15.34
N GLY E 64 -10.79 -18.84 16.64
CA GLY E 64 -9.56 -19.47 17.02
C GLY E 64 -9.60 -20.07 18.42
N THR E 65 -8.56 -20.87 18.70
CA THR E 65 -8.37 -21.50 20.00
C THR E 65 -7.09 -20.95 20.62
N PHE E 66 -7.15 -20.56 21.88
CA PHE E 66 -6.00 -20.09 22.62
C PHE E 66 -5.59 -21.14 23.65
N TYR E 67 -4.32 -21.54 23.64
CA TYR E 67 -3.82 -22.56 24.56
C TYR E 67 -2.85 -21.96 25.57
N TYR E 68 -2.92 -22.43 26.82
CA TYR E 68 -1.94 -22.01 27.83
C TYR E 68 -1.81 -23.12 28.87
N VAL E 69 -0.89 -22.91 29.80
CA VAL E 69 -0.59 -23.85 30.88
C VAL E 69 -0.81 -23.13 32.19
N ASN E 70 -1.54 -23.77 33.11
CA ASN E 70 -1.89 -23.14 34.39
C ASN E 70 -0.76 -23.36 35.40
N ASP E 71 -0.92 -22.80 36.60
CA ASP E 71 0.11 -22.90 37.64
C ASP E 71 0.39 -24.34 38.04
N ALA E 72 -0.57 -25.26 37.81
CA ALA E 72 -0.41 -26.66 38.16
C ALA E 72 0.27 -27.49 37.07
N GLY E 73 0.46 -26.93 35.87
CA GLY E 73 1.09 -27.63 34.80
C GLY E 73 0.15 -28.26 33.82
N GLY E 74 -1.16 -28.08 34.01
CA GLY E 74 -2.15 -28.65 33.10
C GLY E 74 -2.46 -27.74 31.93
N LEU E 75 -2.87 -28.36 30.82
CA LEU E 75 -3.12 -27.63 29.58
C LEU E 75 -4.55 -27.08 29.56
N GLU E 76 -4.68 -25.81 29.19
CA GLU E 76 -5.99 -25.17 29.05
C GLU E 76 -6.15 -24.54 27.68
N SER E 77 -7.40 -24.23 27.36
CA SER E 77 -7.73 -23.66 26.07
C SER E 77 -8.99 -22.83 26.23
N LYS E 78 -9.13 -21.85 25.33
CA LYS E 78 -10.32 -21.03 25.22
C LYS E 78 -10.60 -20.85 23.72
N VAL E 79 -11.86 -20.79 23.36
CA VAL E 79 -12.27 -20.45 22.00
C VAL E 79 -12.57 -18.97 21.95
N PHE E 80 -12.05 -18.29 20.92
CA PHE E 80 -12.33 -16.87 20.75
C PHE E 80 -12.84 -16.63 19.34
N SER E 81 -13.74 -15.67 19.19
CA SER E 81 -14.28 -15.33 17.89
C SER E 81 -14.20 -13.81 17.76
N SER E 82 -13.92 -13.31 16.55
CA SER E 82 -13.79 -11.86 16.41
C SER E 82 -15.17 -11.18 16.44
N GLY E 83 -15.13 -9.87 16.61
CA GLY E 83 -16.32 -9.03 16.56
C GLY E 83 -17.00 -8.75 17.88
N GLY E 84 -16.40 -9.10 18.99
CA GLY E 84 -17.07 -8.89 20.25
C GLY E 84 -17.07 -7.44 20.68
N PRO E 85 -17.80 -7.15 21.75
CA PRO E 85 -17.47 -6.01 22.59
C PRO E 85 -16.07 -6.21 23.18
N THR E 86 -15.50 -5.14 23.72
CA THR E 86 -14.13 -5.21 24.18
C THR E 86 -13.88 -4.03 25.07
N PRO E 87 -13.05 -4.17 26.10
CA PRO E 87 -12.76 -3.01 26.97
C PRO E 87 -11.88 -1.96 26.34
N TYR E 88 -11.28 -2.23 25.16
CA TYR E 88 -10.34 -1.32 24.52
C TYR E 88 -10.73 -1.13 23.06
N PRO E 89 -11.92 -0.61 22.79
CA PRO E 89 -12.40 -0.55 21.40
C PRO E 89 -11.72 0.54 20.58
N ASN E 90 -10.88 1.38 21.20
CA ASN E 90 -10.01 2.25 20.42
C ASN E 90 -8.88 1.48 19.75
N TYR E 91 -8.53 0.29 20.25
CA TYR E 91 -7.55 -0.58 19.59
C TYR E 91 -8.30 -1.52 18.66
N ALA E 92 -8.04 -1.39 17.35
CA ALA E 92 -8.77 -2.13 16.33
C ALA E 92 -8.64 -3.64 16.46
N ASN E 93 -7.59 -4.14 17.13
CA ASN E 93 -7.39 -5.59 17.21
C ASN E 93 -7.80 -6.17 18.55
N ALA E 94 -8.26 -5.34 19.49
CA ALA E 94 -8.59 -5.85 20.83
C ALA E 94 -9.66 -6.91 20.76
N GLY E 95 -10.55 -6.83 19.77
CA GLY E 95 -11.58 -7.83 19.60
C GLY E 95 -11.22 -8.93 18.66
N HIS E 96 -10.04 -8.90 18.06
CA HIS E 96 -9.68 -10.05 17.26
C HIS E 96 -9.37 -11.23 18.19
N VAL E 97 -9.36 -12.43 17.61
CA VAL E 97 -8.91 -13.62 18.34
C VAL E 97 -7.60 -13.33 19.07
N GLU E 98 -6.59 -12.83 18.33
CA GLU E 98 -5.26 -12.54 18.87
C GLU E 98 -5.32 -11.52 20.00
N GLY E 99 -6.15 -10.48 19.85
CA GLY E 99 -6.21 -9.44 20.87
C GLY E 99 -6.91 -9.89 22.14
N GLN E 100 -8.01 -10.66 21.99
CA GLN E 100 -8.65 -11.28 23.16
C GLN E 100 -7.67 -12.20 23.85
N SER E 101 -6.93 -13.00 23.05
CA SER E 101 -5.91 -13.88 23.61
C SER E 101 -4.89 -13.10 24.43
N ALA E 102 -4.35 -12.01 23.86
CA ALA E 102 -3.35 -11.21 24.57
C ALA E 102 -3.92 -10.57 25.84
N LEU E 103 -5.15 -10.03 25.76
CA LEU E 103 -5.73 -9.36 26.91
C LEU E 103 -6.16 -10.36 27.99
N PHE E 104 -6.44 -11.59 27.58
CA PHE E 104 -6.62 -12.68 28.52
C PHE E 104 -5.33 -12.97 29.29
N MSE E 105 -4.20 -13.03 28.57
CA MSE E 105 -2.90 -13.19 29.19
C MSE E 105 -2.56 -12.04 30.13
O MSE E 105 -1.96 -12.26 31.18
CB MSE E 105 -1.81 -13.33 28.15
CG MSE E 105 -1.74 -14.69 27.51
SE MSE E 105 -0.58 -14.66 25.91
CE MSE E 105 1.13 -14.75 26.83
N ARG E 106 -2.95 -10.82 29.75
CA ARG E 106 -2.65 -9.67 30.59
C ARG E 106 -3.42 -9.73 31.91
N ASP E 107 -4.66 -10.23 31.86
CA ASP E 107 -5.53 -10.18 33.02
C ASP E 107 -5.36 -11.39 33.94
N ASN E 108 -4.60 -12.38 33.49
CA ASN E 108 -4.41 -13.62 34.22
C ASN E 108 -2.95 -13.91 34.52
N GLY E 109 -2.04 -12.95 34.28
CA GLY E 109 -0.62 -13.15 34.49
C GLY E 109 -0.04 -14.37 33.80
N ILE E 110 -0.57 -14.70 32.63
CA ILE E 110 0.00 -15.77 31.81
C ILE E 110 1.19 -15.21 31.04
N SER E 111 2.29 -15.93 31.03
CA SER E 111 3.48 -15.47 30.33
C SER E 111 3.70 -16.15 28.99
N GLU E 112 2.97 -17.23 28.68
CA GLU E 112 3.21 -17.97 27.46
C GLU E 112 1.90 -18.53 26.93
N GLY E 113 1.56 -18.18 25.68
CA GLY E 113 0.37 -18.67 25.05
C GLY E 113 0.57 -18.96 23.57
N LEU E 114 -0.38 -19.73 23.03
CA LEU E 114 -0.36 -20.20 21.66
C LEU E 114 -1.76 -20.05 21.07
N VAL E 115 -1.91 -19.29 19.97
CA VAL E 115 -3.21 -19.12 19.29
C VAL E 115 -3.18 -19.69 17.88
N PHE E 116 -4.21 -20.46 17.54
CA PHE E 116 -4.50 -20.82 16.16
C PHE E 116 -5.76 -20.10 15.68
N HIS E 117 -5.79 -19.67 14.43
CA HIS E 117 -7.00 -19.00 13.93
C HIS E 117 -7.28 -19.45 12.50
N ASN E 118 -8.53 -19.24 12.06
CA ASN E 118 -9.01 -19.81 10.81
C ASN E 118 -9.02 -18.81 9.66
N ASN E 119 -8.34 -17.69 9.78
CA ASN E 119 -8.48 -16.68 8.74
C ASN E 119 -7.51 -16.95 7.59
N PRO E 120 -8.01 -17.27 6.39
CA PRO E 120 -7.10 -17.59 5.29
C PRO E 120 -6.35 -16.39 4.75
N GLU E 121 -6.70 -15.16 5.12
CA GLU E 121 -5.90 -13.99 4.78
C GLU E 121 -4.76 -13.72 5.75
N GLY E 122 -4.50 -14.63 6.68
CA GLY E 122 -3.41 -14.49 7.63
C GLY E 122 -3.80 -13.65 8.84
N THR E 123 -2.79 -13.17 9.54
CA THR E 123 -3.01 -12.27 10.66
C THR E 123 -2.80 -10.84 10.15
N CYS E 124 -3.76 -9.96 10.45
CA CYS E 124 -3.79 -8.67 9.79
C CYS E 124 -2.74 -7.72 10.39
N GLY E 125 -2.57 -6.56 9.74
CA GLY E 125 -1.50 -5.64 10.13
C GLY E 125 -1.74 -4.93 11.46
N PHE E 126 -3.01 -4.66 11.79
CA PHE E 126 -3.37 -4.22 13.14
C PHE E 126 -2.77 -5.11 14.21
N CYS E 127 -2.87 -6.43 14.04
CA CYS E 127 -2.33 -7.35 15.04
C CYS E 127 -0.81 -7.36 15.01
N VAL E 128 -0.24 -7.34 13.82
CA VAL E 128 1.22 -7.31 13.72
C VAL E 128 1.80 -6.15 14.52
N ASN E 129 1.09 -5.01 14.58
CA ASN E 129 1.65 -3.77 15.10
C ASN E 129 1.12 -3.35 16.47
N MSE E 130 -0.02 -3.87 16.94
CA MSE E 130 -0.58 -3.48 18.23
C MSE E 130 -0.54 -4.58 19.29
O MSE E 130 -0.78 -4.31 20.47
CB MSE E 130 -2.03 -3.02 18.06
CG MSE E 130 -2.18 -1.78 17.21
SE MSE E 130 -4.04 -1.22 17.01
CE MSE E 130 -4.73 -2.87 16.33
N THR E 131 -0.28 -5.81 18.86
CA THR E 131 -0.39 -6.94 19.79
C THR E 131 0.55 -6.80 20.97
N GLU E 132 1.81 -6.45 20.70
CA GLU E 132 2.79 -6.34 21.79
C GLU E 132 2.50 -5.20 22.76
N THR E 133 1.63 -4.25 22.37
CA THR E 133 1.11 -3.32 23.35
C THR E 133 0.05 -3.98 24.24
N LEU E 134 -0.80 -4.85 23.68
CA LEU E 134 -1.81 -5.50 24.50
C LEU E 134 -1.20 -6.57 25.42
N LEU E 135 -0.20 -7.32 24.95
CA LEU E 135 0.51 -8.23 25.84
C LEU E 135 1.15 -7.47 27.00
N PRO E 136 1.22 -8.06 28.18
CA PRO E 136 2.11 -7.53 29.22
C PRO E 136 3.56 -7.70 28.81
N GLU E 137 4.43 -6.87 29.40
CA GLU E 137 5.84 -6.88 29.05
C GLU E 137 6.47 -8.26 29.26
N ASN E 138 7.08 -8.77 28.19
CA ASN E 138 7.84 -10.01 28.10
C ASN E 138 6.96 -11.24 28.00
N ALA E 139 5.67 -11.09 27.85
CA ALA E 139 4.85 -12.26 27.57
C ALA E 139 5.14 -12.76 26.15
N LYS E 140 5.29 -14.07 25.99
CA LYS E 140 5.48 -14.70 24.68
C LYS E 140 4.16 -15.30 24.20
N MSE E 141 3.67 -14.83 23.05
CA MSE E 141 2.47 -15.41 22.42
C MSE E 141 2.70 -15.73 20.95
O MSE E 141 3.14 -14.86 20.19
CB MSE E 141 1.28 -14.47 22.56
CG MSE E 141 0.00 -15.13 22.08
SE MSE E 141 -1.56 -14.00 22.14
CE MSE E 141 -1.05 -12.68 20.75
N THR E 142 2.43 -16.96 20.54
CA THR E 142 2.65 -17.43 19.17
C THR E 142 1.31 -17.52 18.43
N VAL E 143 1.15 -16.73 17.35
CA VAL E 143 -0.08 -16.72 16.56
C VAL E 143 0.17 -17.56 15.30
N VAL E 144 -0.73 -18.50 15.05
CA VAL E 144 -0.57 -19.44 13.94
C VAL E 144 -1.73 -19.34 12.97
N PRO E 145 -1.52 -18.81 11.77
CA PRO E 145 -2.62 -18.71 10.81
C PRO E 145 -2.88 -20.07 10.17
N PRO E 146 -3.94 -20.21 9.37
CA PRO E 146 -4.19 -21.50 8.71
C PRO E 146 -3.10 -21.85 7.69
N GLU E 147 -2.93 -23.15 7.47
CA GLU E 147 -1.95 -23.64 6.52
C GLU E 147 -2.22 -23.07 5.13
N GLY E 148 -1.22 -22.42 4.54
CA GLY E 148 -1.41 -21.81 3.24
C GLY E 148 -2.29 -20.58 3.23
N ALA E 149 -2.35 -19.85 4.33
CA ALA E 149 -2.89 -18.52 4.31
C ALA E 149 -2.15 -17.64 3.31
N ILE E 150 -2.90 -16.83 2.56
CA ILE E 150 -2.28 -15.89 1.65
C ILE E 150 -2.70 -14.48 2.05
N PRO E 151 -1.78 -13.67 2.56
CA PRO E 151 -2.14 -12.29 2.94
C PRO E 151 -2.45 -11.47 1.69
N VAL E 152 -3.43 -10.58 1.82
CA VAL E 152 -3.89 -9.75 0.72
C VAL E 152 -3.96 -8.28 1.08
N LYS E 153 -3.90 -7.92 2.36
CA LYS E 153 -3.77 -6.54 2.83
C LYS E 153 -2.30 -6.26 3.14
N ARG E 154 -1.83 -5.09 2.74
CA ARG E 154 -0.48 -4.67 3.09
C ARG E 154 -0.29 -4.70 4.59
N GLY E 155 0.86 -5.25 5.03
CA GLY E 155 1.22 -5.35 6.43
C GLY E 155 0.74 -6.60 7.12
N ALA E 156 -0.16 -7.36 6.49
CA ALA E 156 -0.60 -8.63 7.02
C ALA E 156 0.44 -9.70 6.71
N THR E 157 0.36 -10.80 7.42
CA THR E 157 1.30 -11.87 7.21
C THR E 157 0.56 -13.20 7.16
N GLY E 158 1.11 -14.13 6.38
CA GLY E 158 0.60 -15.48 6.31
C GLY E 158 1.44 -16.47 7.06
N GLU E 159 2.43 -16.01 7.81
CA GLU E 159 3.30 -16.90 8.56
C GLU E 159 3.03 -16.78 10.07
N THR E 160 3.42 -17.83 10.80
CA THR E 160 3.47 -17.78 12.25
C THR E 160 4.30 -16.58 12.73
N LYS E 161 3.78 -15.85 13.72
CA LYS E 161 4.47 -14.71 14.31
C LYS E 161 4.56 -14.93 15.82
N VAL E 162 5.72 -14.68 16.39
CA VAL E 162 5.97 -14.75 17.83
C VAL E 162 6.00 -13.32 18.36
N PHE E 163 4.94 -12.91 19.05
CA PHE E 163 4.91 -11.62 19.71
C PHE E 163 5.46 -11.74 21.12
N THR E 164 6.35 -10.86 21.51
CA THR E 164 6.71 -10.71 22.92
C THR E 164 6.31 -9.31 23.36
N GLY E 165 5.70 -9.21 24.56
CA GLY E 165 5.10 -7.96 24.96
C GLY E 165 6.10 -6.89 25.35
N ASN E 166 5.73 -5.63 25.08
CA ASN E 166 6.54 -4.48 25.45
C ASN E 166 5.91 -3.75 26.64
N SER E 167 6.58 -2.69 27.08
CA SER E 167 6.20 -1.99 28.30
C SER E 167 4.99 -1.08 28.14
N ASN E 168 4.56 -0.80 26.91
CA ASN E 168 3.34 -0.03 26.77
C ASN E 168 2.14 -0.87 27.22
N SER E 169 1.03 -0.19 27.41
CA SER E 169 -0.15 -0.89 27.87
C SER E 169 -1.37 -0.16 27.34
N PRO E 170 -2.42 -0.87 27.02
CA PRO E 170 -3.55 -0.25 26.34
C PRO E 170 -4.02 1.04 27.01
N LYS E 171 -3.91 2.17 26.31
CA LYS E 171 -4.50 3.39 26.81
C LYS E 171 -6.02 3.31 26.65
N SER E 172 -6.75 3.49 27.76
CA SER E 172 -8.18 3.28 27.78
C SER E 172 -8.90 4.52 27.26
N PRO E 173 -10.06 4.34 26.62
CA PRO E 173 -10.82 5.49 26.09
C PRO E 173 -11.61 6.23 27.17
N MSE F 1 0.50 5.07 -4.86
CA MSE F 1 0.68 4.18 -3.74
C MSE F 1 -0.25 2.98 -3.80
O MSE F 1 -1.10 2.90 -4.70
CB MSE F 1 0.45 4.92 -2.43
CG MSE F 1 -0.86 5.67 -2.37
SE MSE F 1 -1.19 6.67 -0.68
CE MSE F 1 -3.16 6.60 -0.73
N TYR F 2 -0.09 2.01 -2.89
CA TYR F 2 -0.99 0.87 -2.82
C TYR F 2 -2.24 1.26 -2.05
N ALA F 3 -3.40 0.85 -2.56
CA ALA F 3 -4.67 1.07 -1.91
C ALA F 3 -5.44 -0.25 -1.88
N ASP F 4 -5.77 -0.72 -0.69
CA ASP F 4 -6.53 -1.95 -0.47
C ASP F 4 -7.92 -1.62 0.06
N ASP F 5 -8.93 -2.38 -0.40
CA ASP F 5 -10.29 -2.25 0.16
C ASP F 5 -10.91 -3.66 0.25
N PHE F 6 -12.24 -3.74 0.45
CA PHE F 6 -12.89 -5.05 0.50
C PHE F 6 -12.60 -5.91 -0.74
N ASP F 7 -12.40 -5.30 -1.92
CA ASP F 7 -12.44 -6.07 -3.15
C ASP F 7 -11.07 -6.38 -3.76
N GLY F 8 -9.99 -5.82 -3.23
CA GLY F 8 -8.66 -6.06 -3.78
C GLY F 8 -7.74 -4.86 -3.61
N GLU F 9 -6.58 -4.94 -4.27
CA GLU F 9 -5.58 -3.89 -4.20
C GLU F 9 -5.48 -3.20 -5.55
N ILE F 10 -5.32 -1.87 -5.54
CA ILE F 10 -5.01 -1.10 -6.74
C ILE F 10 -3.89 -0.12 -6.42
N GLU F 11 -3.25 0.38 -7.46
CA GLU F 11 -2.25 1.42 -7.34
C GLU F 11 -2.87 2.75 -7.73
N ILE F 12 -2.53 3.79 -6.99
CA ILE F 12 -3.11 5.11 -7.18
C ILE F 12 -2.01 6.08 -7.57
N ASP F 13 -2.22 6.82 -8.67
CA ASP F 13 -1.33 7.90 -9.09
C ASP F 13 -1.95 9.28 -9.06
N GLU F 14 -3.27 9.38 -9.13
CA GLU F 14 -4.00 10.64 -9.25
C GLU F 14 -4.85 10.80 -8.01
N VAL F 15 -4.89 12.01 -7.45
CA VAL F 15 -5.74 12.24 -6.28
C VAL F 15 -7.21 12.00 -6.63
N ASP F 16 -7.62 12.29 -7.88
CA ASP F 16 -8.98 11.97 -8.31
C ASP F 16 -9.29 10.49 -8.14
N SER F 17 -8.36 9.62 -8.57
CA SER F 17 -8.54 8.19 -8.39
C SER F 17 -8.62 7.81 -6.91
N LEU F 18 -7.79 8.45 -6.07
CA LEU F 18 -7.89 8.28 -4.63
C LEU F 18 -9.32 8.53 -4.13
N VAL F 19 -9.87 9.70 -4.48
CA VAL F 19 -11.16 10.13 -3.97
C VAL F 19 -12.26 9.20 -4.42
N GLU F 20 -12.22 8.79 -5.70
CA GLU F 20 -13.18 7.83 -6.19
C GLU F 20 -13.04 6.50 -5.46
N PHE F 21 -11.80 6.03 -5.27
CA PHE F 21 -11.58 4.77 -4.59
C PHE F 21 -12.14 4.80 -3.17
N LEU F 22 -11.90 5.91 -2.46
CA LEU F 22 -12.31 6.06 -1.07
C LEU F 22 -13.81 6.26 -0.94
N SER F 23 -14.49 6.44 -2.06
CA SER F 23 -15.92 6.59 -2.06
C SER F 23 -16.63 5.25 -2.20
N ARG F 24 -15.87 4.19 -2.52
CA ARG F 24 -16.46 2.88 -2.76
C ARG F 24 -17.01 2.28 -1.47
N ARG F 25 -18.18 1.65 -1.56
CA ARG F 25 -18.83 0.96 -0.44
C ARG F 25 -19.38 -0.35 -0.95
N PRO F 26 -18.52 -1.35 -1.13
CA PRO F 26 -18.96 -2.60 -1.78
C PRO F 26 -20.02 -3.38 -1.01
N ALA F 27 -20.17 -3.15 0.29
CA ALA F 27 -21.01 -4.05 1.09
C ALA F 27 -21.29 -3.40 2.44
N PHE F 28 -22.52 -3.57 2.94
CA PHE F 28 -22.91 -3.00 4.23
C PHE F 28 -22.77 -1.49 4.28
N ASP F 29 -22.82 -0.82 3.13
CA ASP F 29 -22.48 0.61 3.03
C ASP F 29 -21.16 0.93 3.75
N ALA F 30 -20.17 0.04 3.62
CA ALA F 30 -18.93 0.12 4.39
C ALA F 30 -17.74 -0.22 3.50
N ASN F 31 -16.54 0.05 4.01
CA ASN F 31 -15.30 -0.42 3.42
C ASN F 31 -14.23 -0.36 4.50
N ASN F 32 -13.09 -0.97 4.22
CA ASN F 32 -11.91 -0.86 5.08
C ASN F 32 -10.72 -0.69 4.14
N PHE F 33 -10.15 0.52 4.13
CA PHE F 33 -9.03 0.87 3.27
C PHE F 33 -7.69 0.81 3.99
N VAL F 34 -6.69 0.18 3.34
CA VAL F 34 -5.27 0.28 3.74
C VAL F 34 -4.52 1.12 2.71
N LEU F 35 -3.88 2.20 3.14
CA LEU F 35 -3.07 3.03 2.24
C LEU F 35 -1.62 2.99 2.68
N THR F 36 -0.71 2.73 1.75
CA THR F 36 0.70 2.64 2.07
C THR F 36 1.52 2.80 0.80
N PHE F 37 2.75 3.31 0.96
CA PHE F 37 3.73 3.37 -0.10
C PHE F 37 4.73 2.26 0.00
N GLU F 38 4.72 1.53 1.10
CA GLU F 38 5.74 0.54 1.38
C GLU F 38 5.25 -0.86 1.05
N GLU F 39 6.15 -1.67 0.51
CA GLU F 39 5.89 -3.09 0.31
C GLU F 39 5.41 -3.76 1.58
N SER F 40 6.10 -3.48 2.69
CA SER F 40 5.85 -4.12 3.97
C SER F 40 4.58 -3.62 4.66
N GLY F 41 3.97 -2.55 4.16
CA GLY F 41 2.78 -2.00 4.77
C GLY F 41 2.99 -1.01 5.88
N PHE F 42 4.20 -0.45 6.04
CA PHE F 42 4.40 0.50 7.14
C PHE F 42 5.38 1.57 6.74
N PRO F 43 5.00 2.86 6.86
CA PRO F 43 3.76 3.40 7.40
C PRO F 43 2.50 3.07 6.63
N GLN F 44 1.37 3.28 7.30
CA GLN F 44 0.07 2.83 6.87
C GLN F 44 -1.01 3.78 7.35
N LEU F 45 -1.95 4.10 6.49
CA LEU F 45 -3.22 4.69 6.90
C LEU F 45 -4.25 3.60 6.75
N ASN F 46 -4.93 3.30 7.84
CA ASN F 46 -5.95 2.27 7.90
C ASN F 46 -7.27 2.93 8.25
N ILE F 47 -8.22 2.92 7.31
CA ILE F 47 -9.46 3.66 7.39
C ILE F 47 -10.64 2.69 7.46
N PHE F 48 -11.48 2.85 8.47
CA PHE F 48 -12.77 2.15 8.52
C PHE F 48 -13.86 3.14 8.12
N ALA F 49 -14.62 2.84 7.07
CA ALA F 49 -15.66 3.74 6.59
C ALA F 49 -17.03 3.07 6.66
N LYS F 50 -18.04 3.83 7.07
CA LYS F 50 -19.42 3.37 7.03
C LYS F 50 -20.33 4.58 6.91
N ASN F 51 -21.37 4.46 6.08
CA ASN F 51 -22.26 5.58 5.79
C ASN F 51 -21.43 6.83 5.53
N ASP F 52 -21.60 7.82 6.42
CA ASP F 52 -20.97 9.13 6.33
C ASP F 52 -19.88 9.34 7.38
N ILE F 53 -19.29 8.26 7.91
CA ILE F 53 -18.36 8.37 9.03
C ILE F 53 -17.20 7.39 8.87
N ALA F 54 -16.22 7.57 9.74
CA ALA F 54 -14.96 6.87 9.58
C ALA F 54 -14.20 6.91 10.89
N VAL F 55 -13.27 5.97 11.02
CA VAL F 55 -12.25 5.95 12.07
C VAL F 55 -10.91 5.69 11.37
N VAL F 56 -9.94 6.58 11.60
CA VAL F 56 -8.69 6.57 10.83
C VAL F 56 -7.52 6.15 11.74
N TYR F 57 -6.69 5.22 11.25
CA TYR F 57 -5.53 4.80 12.02
C TYR F 57 -4.27 5.13 11.24
N TYR F 58 -3.23 5.55 11.95
CA TYR F 58 -1.92 5.71 11.33
C TYR F 58 -0.96 4.82 12.10
N MSE F 59 -0.31 3.91 11.37
CA MSE F 59 0.62 2.98 11.96
C MSE F 59 1.97 2.98 11.28
O MSE F 59 2.07 2.99 10.06
CB MSE F 59 0.07 1.57 11.91
CG MSE F 59 -1.17 1.45 12.71
SE MSE F 59 -1.76 -0.39 12.72
CE MSE F 59 -2.64 -0.54 10.92
N ASP F 60 2.99 2.93 12.12
CA ASP F 60 4.34 2.69 11.65
C ASP F 60 4.95 1.71 12.64
N ILE F 61 6.21 1.38 12.43
CA ILE F 61 6.92 0.56 13.41
C ILE F 61 7.07 1.35 14.70
N GLY F 62 6.62 0.76 15.80
CA GLY F 62 6.68 1.42 17.10
C GLY F 62 5.79 2.64 17.22
N GLU F 63 4.76 2.75 16.39
CA GLU F 63 3.85 3.89 16.45
C GLU F 63 2.47 3.43 16.05
N ASN F 64 1.47 3.87 16.81
CA ASN F 64 0.09 3.59 16.54
C ASN F 64 -0.71 4.82 16.93
N PHE F 65 -1.51 5.34 16.01
CA PHE F 65 -2.36 6.48 16.33
C PHE F 65 -3.75 6.25 15.76
N VAL F 66 -4.76 6.74 16.47
CA VAL F 66 -6.12 6.70 15.99
C VAL F 66 -6.69 8.11 16.09
N SER F 67 -7.62 8.42 15.21
CA SER F 67 -8.20 9.74 15.20
C SER F 67 -8.98 10.00 16.49
N LYS F 68 -9.24 11.28 16.75
CA LYS F 68 -10.12 11.69 17.83
C LYS F 68 -11.17 12.58 17.22
N GLY F 69 -12.44 12.23 17.43
CA GLY F 69 -13.55 12.90 16.78
C GLY F 69 -14.29 13.86 17.68
N ASN F 70 -15.41 14.38 17.15
CA ASN F 70 -16.20 15.45 17.76
C ASN F 70 -17.14 14.96 18.88
N SER F 71 -16.72 14.01 19.72
CA SER F 71 -17.61 13.49 20.75
C SER F 71 -16.87 12.71 21.82
N ALA F 72 -16.99 13.13 23.09
CA ALA F 72 -16.37 12.46 24.22
C ALA F 72 -17.25 11.39 24.87
N SER F 73 -18.58 11.46 24.72
CA SER F 73 -19.52 10.51 25.33
C SER F 73 -19.35 9.08 24.80
N GLY F 74 -18.39 8.36 25.36
CA GLY F 74 -17.81 7.21 24.69
C GLY F 74 -18.62 5.93 24.60
N GLY F 75 -19.37 5.77 23.53
CA GLY F 75 -19.89 4.46 23.15
C GLY F 75 -18.95 3.72 22.21
N THR F 76 -19.52 2.72 21.54
CA THR F 76 -18.87 2.07 20.42
C THR F 76 -19.77 2.20 19.20
N GLU F 77 -19.14 2.07 18.03
CA GLU F 77 -19.82 2.12 16.74
C GLU F 77 -19.34 0.92 15.94
N LYS F 78 -20.27 0.22 15.33
CA LYS F 78 -19.90 -0.98 14.58
C LYS F 78 -19.33 -0.60 13.21
N PHE F 79 -18.15 -1.11 12.90
CA PHE F 79 -17.64 -1.04 11.53
C PHE F 79 -17.41 -2.45 10.99
N TYR F 80 -16.95 -2.52 9.75
CA TYR F 80 -16.81 -3.76 8.99
C TYR F 80 -15.39 -3.94 8.45
N GLU F 81 -14.86 -5.14 8.61
CA GLU F 81 -13.53 -5.50 8.20
C GLU F 81 -13.48 -6.14 6.83
N ASN F 82 -14.60 -6.63 6.31
CA ASN F 82 -14.56 -7.40 5.07
C ASN F 82 -15.97 -7.46 4.50
N LYS F 83 -16.07 -7.78 3.22
CA LYS F 83 -17.39 -7.81 2.62
C LYS F 83 -18.23 -9.01 3.06
N LEU F 84 -17.68 -9.96 3.80
CA LEU F 84 -18.51 -11.06 4.29
C LEU F 84 -19.20 -10.75 5.60
N GLY F 85 -19.05 -9.54 6.13
CA GLY F 85 -19.74 -9.16 7.35
C GLY F 85 -18.92 -9.17 8.62
N GLY F 86 -17.65 -9.56 8.57
CA GLY F 86 -16.78 -9.41 9.73
C GLY F 86 -16.82 -8.02 10.35
N GLU F 87 -17.19 -7.96 11.63
CA GLU F 87 -17.47 -6.70 12.31
C GLU F 87 -16.37 -6.40 13.29
N VAL F 88 -16.25 -5.12 13.62
CA VAL F 88 -15.38 -4.68 14.68
C VAL F 88 -16.04 -3.47 15.34
N ASP F 89 -15.89 -3.35 16.65
CA ASP F 89 -16.57 -2.31 17.42
C ASP F 89 -15.51 -1.28 17.81
N LEU F 90 -15.65 -0.07 17.28
CA LEU F 90 -14.67 0.99 17.45
C LEU F 90 -15.25 2.07 18.35
N SER F 91 -14.37 2.78 19.04
CA SER F 91 -14.77 3.83 19.96
C SER F 91 -15.51 4.94 19.22
N LYS F 92 -16.69 5.30 19.73
CA LYS F 92 -17.38 6.46 19.19
C LYS F 92 -16.56 7.74 19.35
N ASP F 93 -15.60 7.74 20.28
CA ASP F 93 -14.71 8.89 20.49
C ASP F 93 -13.86 9.17 19.27
N CYS F 94 -13.60 8.14 18.47
CA CYS F 94 -12.66 8.24 17.35
C CYS F 94 -13.33 8.55 16.02
N VAL F 95 -14.67 8.61 15.97
CA VAL F 95 -15.35 8.72 14.69
C VAL F 95 -15.23 10.14 14.15
N VAL F 96 -14.82 10.27 12.89
CA VAL F 96 -14.62 11.55 12.23
C VAL F 96 -15.54 11.59 11.02
N SER F 97 -15.66 12.78 10.44
CA SER F 97 -16.52 12.93 9.27
C SER F 97 -15.96 12.13 8.09
N LYS F 98 -16.85 11.80 7.14
CA LYS F 98 -16.40 11.18 5.89
C LYS F 98 -15.49 12.12 5.12
N GLU F 99 -15.92 13.39 4.99
CA GLU F 99 -15.12 14.42 4.35
C GLU F 99 -13.83 14.69 5.12
N GLN F 100 -13.88 14.61 6.45
CA GLN F 100 -12.66 14.75 7.22
C GLN F 100 -11.68 13.63 6.92
N MSE F 101 -12.19 12.44 6.67
CA MSE F 101 -11.36 11.29 6.37
C MSE F 101 -10.67 11.39 5.00
O MSE F 101 -9.52 11.04 4.84
CB MSE F 101 -12.18 10.02 6.44
CG MSE F 101 -11.42 8.78 5.99
SE MSE F 101 -11.59 8.35 4.06
CE MSE F 101 -13.54 7.81 4.01
N ILE F 102 -11.43 11.87 4.01
CA ILE F 102 -10.90 12.04 2.67
C ILE F 102 -9.82 13.12 2.62
N GLU F 103 -9.94 14.16 3.45
CA GLU F 103 -8.88 15.15 3.53
C GLU F 103 -7.66 14.63 4.29
N ALA F 104 -7.84 13.66 5.21
CA ALA F 104 -6.69 13.03 5.82
C ALA F 104 -5.95 12.15 4.82
N ALA F 105 -6.67 11.33 4.06
CA ALA F 105 -6.00 10.50 3.07
C ALA F 105 -5.36 11.33 1.96
N LYS F 106 -5.94 12.48 1.61
CA LYS F 106 -5.28 13.32 0.63
C LYS F 106 -3.90 13.79 1.13
N GLN F 107 -3.83 14.19 2.40
CA GLN F 107 -2.55 14.66 2.94
C GLN F 107 -1.51 13.54 2.98
N PHE F 108 -1.92 12.34 3.40
CA PHE F 108 -1.00 11.21 3.43
C PHE F 108 -0.47 10.90 2.04
N PHE F 109 -1.33 10.97 1.03
CA PHE F 109 -0.93 10.68 -0.34
C PHE F 109 0.09 11.69 -0.85
N ALA F 110 0.04 12.91 -0.34
CA ALA F 110 0.96 13.95 -0.80
C ALA F 110 2.29 13.92 -0.03
N THR F 111 2.28 13.55 1.25
CA THR F 111 3.46 13.63 2.11
C THR F 111 4.05 12.29 2.52
N LYS F 112 3.29 11.20 2.46
CA LYS F 112 3.69 9.91 3.02
C LYS F 112 3.95 9.98 4.54
N GLN F 113 3.41 10.96 5.23
CA GLN F 113 3.56 11.06 6.68
C GLN F 113 2.18 11.14 7.33
N ARG F 114 2.16 11.15 8.65
CA ARG F 114 0.89 11.18 9.37
C ARG F 114 0.18 12.50 9.10
N PRO F 115 -1.02 12.48 8.56
CA PRO F 115 -1.70 13.71 8.14
C PRO F 115 -1.98 14.67 9.30
N GLU F 116 -1.65 15.94 9.09
CA GLU F 116 -1.69 16.94 10.15
C GLU F 116 -3.10 17.44 10.49
N GLN F 117 -4.12 17.11 9.70
CA GLN F 117 -5.41 17.75 9.85
C GLN F 117 -6.30 17.10 10.90
N LEU F 118 -6.38 15.76 10.90
CA LEU F 118 -7.03 15.11 12.02
C LEU F 118 -6.26 15.35 13.31
N THR F 119 -6.99 15.49 14.39
CA THR F 119 -6.40 15.41 15.71
C THR F 119 -6.30 13.93 16.12
N TRP F 120 -5.18 13.56 16.73
CA TRP F 120 -4.78 12.17 16.92
C TRP F 120 -4.67 11.83 18.40
N SER F 121 -4.86 10.55 18.71
CA SER F 121 -4.50 9.98 20.02
C SER F 121 -3.46 8.90 19.78
N GLU F 122 -2.38 8.93 20.55
CA GLU F 122 -1.37 7.87 20.47
C GLU F 122 -1.87 6.65 21.23
N LEU F 123 -1.56 5.45 20.72
CA LEU F 123 -2.11 4.22 21.32
C LEU F 123 -1.08 3.34 22.06
N SER G 42 -30.51 31.40 -23.48
CA SER G 42 -30.81 29.98 -23.27
C SER G 42 -29.58 29.15 -22.89
N TYR G 43 -29.76 28.19 -21.98
CA TYR G 43 -28.66 27.56 -21.27
C TYR G 43 -28.77 26.05 -21.39
N ALA G 44 -27.62 25.39 -21.57
CA ALA G 44 -27.61 23.95 -21.79
C ALA G 44 -27.54 23.20 -20.48
N LEU G 45 -28.32 22.12 -20.40
CA LEU G 45 -28.35 21.23 -19.24
C LEU G 45 -28.56 19.83 -19.81
N GLY G 46 -27.48 19.04 -19.90
CA GLY G 46 -27.54 17.77 -20.56
C GLY G 46 -28.16 17.90 -21.94
N PRO G 47 -29.11 17.01 -22.27
CA PRO G 47 -29.75 17.05 -23.59
C PRO G 47 -30.85 18.09 -23.73
N TYR G 48 -31.16 18.84 -22.65
CA TYR G 48 -32.15 19.89 -22.63
C TYR G 48 -31.50 21.27 -22.75
N GLN G 49 -32.19 22.17 -23.44
CA GLN G 49 -31.82 23.58 -23.48
C GLN G 49 -32.94 24.36 -22.80
N ILE G 50 -32.59 25.09 -21.75
CA ILE G 50 -33.55 25.68 -20.82
C ILE G 50 -33.40 27.20 -20.82
N SER G 51 -34.53 27.89 -20.85
CA SER G 51 -34.50 29.34 -20.76
C SER G 51 -35.21 29.76 -19.47
N ALA G 52 -34.99 31.01 -19.09
CA ALA G 52 -35.44 31.46 -17.79
C ALA G 52 -36.96 31.31 -17.67
N PRO G 53 -37.45 30.72 -16.59
CA PRO G 53 -38.89 30.69 -16.34
C PRO G 53 -39.34 32.08 -15.89
N GLN G 54 -40.64 32.30 -15.88
CA GLN G 54 -41.14 33.53 -15.29
C GLN G 54 -41.05 33.39 -13.78
N LEU G 55 -40.53 34.41 -13.13
CA LEU G 55 -40.45 34.43 -11.69
C LEU G 55 -41.31 35.55 -11.16
N PRO G 56 -41.77 35.47 -9.90
CA PRO G 56 -42.48 36.62 -9.33
C PRO G 56 -41.62 37.88 -9.38
N ALA G 57 -42.29 39.02 -9.43
CA ALA G 57 -41.58 40.28 -9.32
C ALA G 57 -40.84 40.32 -7.99
N TYR G 58 -39.70 40.97 -8.00
CA TYR G 58 -38.85 40.96 -6.82
C TYR G 58 -39.41 41.90 -5.77
N ASN G 59 -39.42 41.43 -4.54
CA ASN G 59 -40.01 42.18 -3.44
C ASN G 59 -39.16 42.14 -2.19
N GLY G 60 -37.88 41.69 -2.30
CA GLY G 60 -36.95 41.68 -1.19
C GLY G 60 -36.57 40.29 -0.74
N GLN G 61 -37.44 39.32 -1.02
CA GLN G 61 -37.14 37.91 -0.93
C GLN G 61 -36.80 37.41 -2.32
N THR G 62 -35.62 36.82 -2.47
CA THR G 62 -35.26 36.18 -3.73
C THR G 62 -36.02 34.87 -3.93
N VAL G 63 -36.44 34.65 -5.17
CA VAL G 63 -37.14 33.44 -5.60
C VAL G 63 -36.43 32.88 -6.83
N GLY G 64 -36.29 31.56 -6.89
CA GLY G 64 -35.59 30.98 -8.03
C GLY G 64 -36.09 29.59 -8.36
N THR G 65 -35.70 29.13 -9.56
CA THR G 65 -35.97 27.76 -9.99
C THR G 65 -34.65 27.06 -10.28
N PHE G 66 -34.45 25.92 -9.64
CA PHE G 66 -33.29 25.06 -9.85
C PHE G 66 -33.67 23.93 -10.79
N TYR G 67 -32.80 23.62 -11.76
CA TYR G 67 -33.01 22.52 -12.70
C TYR G 67 -31.88 21.51 -12.60
N TYR G 68 -32.21 20.23 -12.76
CA TYR G 68 -31.19 19.19 -12.81
C TYR G 68 -31.77 17.96 -13.51
N VAL G 69 -30.89 17.04 -13.86
CA VAL G 69 -31.26 15.79 -14.51
C VAL G 69 -31.12 14.65 -13.51
N ASN G 70 -32.11 13.76 -13.50
CA ASN G 70 -32.02 12.60 -12.63
C ASN G 70 -31.34 11.46 -13.37
N ASP G 71 -31.04 10.38 -12.62
CA ASP G 71 -30.27 9.29 -13.21
C ASP G 71 -31.08 8.44 -14.18
N ALA G 72 -32.34 8.77 -14.43
CA ALA G 72 -33.10 8.21 -15.55
C ALA G 72 -32.99 9.04 -16.81
N GLY G 73 -32.50 10.27 -16.72
CA GLY G 73 -32.42 11.16 -17.85
C GLY G 73 -33.48 12.25 -17.88
N GLY G 74 -34.44 12.23 -16.94
CA GLY G 74 -35.52 13.20 -16.97
C GLY G 74 -35.10 14.56 -16.40
N LEU G 75 -35.79 15.59 -16.88
CA LEU G 75 -35.60 16.94 -16.35
C LEU G 75 -36.47 17.13 -15.11
N GLU G 76 -35.87 17.70 -14.07
CA GLU G 76 -36.52 18.00 -12.80
C GLU G 76 -36.28 19.46 -12.47
N SER G 77 -37.18 20.04 -11.70
CA SER G 77 -36.99 21.41 -11.22
C SER G 77 -37.50 21.52 -9.80
N LYS G 78 -36.90 22.43 -9.03
CA LYS G 78 -37.41 22.82 -7.72
C LYS G 78 -37.51 24.33 -7.62
N VAL G 79 -38.47 24.82 -6.81
CA VAL G 79 -38.56 26.24 -6.47
C VAL G 79 -37.92 26.43 -5.11
N PHE G 80 -37.05 27.41 -5.00
CA PHE G 80 -36.52 27.86 -3.73
C PHE G 80 -36.78 29.35 -3.57
N SER G 81 -36.99 29.74 -2.32
CA SER G 81 -37.11 31.12 -1.94
C SER G 81 -36.13 31.38 -0.80
N SER G 82 -35.64 32.60 -0.67
CA SER G 82 -34.66 32.85 0.38
C SER G 82 -35.35 33.13 1.70
N GLY G 83 -34.61 33.03 2.79
CA GLY G 83 -35.10 33.43 4.09
C GLY G 83 -35.39 32.30 5.06
N GLY G 84 -35.29 31.04 4.66
CA GLY G 84 -35.76 29.97 5.51
C GLY G 84 -34.78 29.56 6.60
N PRO G 85 -35.14 28.52 7.34
CA PRO G 85 -34.15 27.82 8.15
C PRO G 85 -33.23 27.03 7.25
N THR G 86 -32.08 26.68 7.78
CA THR G 86 -31.08 26.01 6.96
C THR G 86 -30.26 25.16 7.90
N PRO G 87 -29.67 24.07 7.42
CA PRO G 87 -28.80 23.27 8.30
C PRO G 87 -27.43 23.89 8.55
N TYR G 88 -27.10 25.02 7.93
CA TYR G 88 -25.77 25.63 8.05
C TYR G 88 -25.94 27.14 8.18
N PRO G 89 -26.51 27.59 9.30
CA PRO G 89 -26.79 29.03 9.45
C PRO G 89 -25.53 29.86 9.66
N ASN G 90 -24.38 29.24 9.96
CA ASN G 90 -23.15 29.99 10.02
C ASN G 90 -22.71 30.48 8.63
N TYR G 91 -23.15 29.81 7.57
CA TYR G 91 -22.90 30.26 6.19
C TYR G 91 -24.04 31.17 5.75
N ALA G 92 -23.71 32.43 5.46
CA ALA G 92 -24.77 33.41 5.19
C ALA G 92 -25.53 33.13 3.90
N ASN G 93 -24.93 32.45 2.93
CA ASN G 93 -25.60 32.18 1.66
C ASN G 93 -26.37 30.88 1.69
N ALA G 94 -26.34 30.14 2.81
CA ALA G 94 -26.85 28.78 2.82
C ALA G 94 -28.37 28.73 2.71
N GLY G 95 -29.06 29.82 3.04
CA GLY G 95 -30.49 29.92 2.80
C GLY G 95 -30.86 30.64 1.53
N HIS G 96 -29.89 31.21 0.81
CA HIS G 96 -30.21 31.78 -0.48
C HIS G 96 -30.62 30.69 -1.47
N VAL G 97 -31.25 31.14 -2.55
CA VAL G 97 -31.65 30.26 -3.65
C VAL G 97 -30.44 29.44 -4.14
N GLU G 98 -29.29 30.09 -4.32
CA GLU G 98 -28.07 29.39 -4.76
C GLU G 98 -27.60 28.41 -3.70
N GLY G 99 -27.60 28.84 -2.44
CA GLY G 99 -27.14 27.96 -1.37
C GLY G 99 -28.02 26.74 -1.19
N GLN G 100 -29.34 26.91 -1.31
CA GLN G 100 -30.21 25.75 -1.23
C GLN G 100 -29.98 24.82 -2.42
N SER G 101 -29.76 25.40 -3.60
CA SER G 101 -29.48 24.58 -4.77
C SER G 101 -28.22 23.75 -4.56
N ALA G 102 -27.14 24.38 -4.09
CA ALA G 102 -25.87 23.68 -3.90
C ALA G 102 -26.02 22.56 -2.87
N LEU G 103 -26.63 22.87 -1.73
CA LEU G 103 -26.82 21.86 -0.69
C LEU G 103 -27.78 20.78 -1.14
N PHE G 104 -28.75 21.11 -1.99
CA PHE G 104 -29.61 20.07 -2.53
C PHE G 104 -28.81 19.11 -3.41
N MSE G 105 -27.94 19.65 -4.25
CA MSE G 105 -27.03 18.86 -5.06
C MSE G 105 -26.16 17.98 -4.20
O MSE G 105 -25.91 16.81 -4.52
CB MSE G 105 -26.14 19.74 -5.93
CG MSE G 105 -26.75 20.09 -7.29
SE MSE G 105 -25.94 21.64 -8.19
CE MSE G 105 -24.65 20.59 -9.27
N ARG G 106 -25.69 18.55 -3.08
CA ARG G 106 -24.77 17.80 -2.23
C ARG G 106 -25.48 16.64 -1.56
N ASP G 107 -26.71 16.88 -1.10
CA ASP G 107 -27.48 15.84 -0.42
C ASP G 107 -27.92 14.72 -1.37
N ASN G 108 -28.03 15.00 -2.66
CA ASN G 108 -28.59 14.04 -3.62
C ASN G 108 -27.59 13.52 -4.65
N GLY G 109 -26.33 13.93 -4.58
CA GLY G 109 -25.35 13.50 -5.56
C GLY G 109 -25.64 13.93 -6.99
N ILE G 110 -26.19 15.13 -7.15
CA ILE G 110 -26.31 15.74 -8.48
C ILE G 110 -25.00 16.44 -8.79
N SER G 111 -24.46 16.22 -9.98
CA SER G 111 -23.20 16.88 -10.35
C SER G 111 -23.37 17.94 -11.46
N GLU G 112 -24.59 18.30 -11.85
CA GLU G 112 -24.78 19.41 -12.78
C GLU G 112 -26.18 20.01 -12.62
N GLY G 113 -26.26 21.30 -12.26
CA GLY G 113 -27.53 21.97 -12.07
C GLY G 113 -27.52 23.39 -12.62
N LEU G 114 -28.72 23.98 -12.70
CA LEU G 114 -28.91 25.30 -13.30
C LEU G 114 -29.95 26.07 -12.51
N VAL G 115 -29.63 27.30 -12.09
CA VAL G 115 -30.52 28.11 -11.26
C VAL G 115 -30.81 29.43 -11.94
N PHE G 116 -32.07 29.84 -11.91
CA PHE G 116 -32.49 31.21 -12.23
C PHE G 116 -33.11 31.84 -11.00
N HIS G 117 -32.67 33.06 -10.65
CA HIS G 117 -33.27 33.81 -9.56
C HIS G 117 -33.70 35.17 -10.08
N ASN G 118 -34.53 35.85 -9.28
CA ASN G 118 -35.21 37.09 -9.67
C ASN G 118 -34.63 38.32 -8.99
N ASN G 119 -33.39 38.27 -8.49
CA ASN G 119 -32.86 39.40 -7.74
C ASN G 119 -32.25 40.42 -8.71
N PRO G 120 -32.84 41.61 -8.87
CA PRO G 120 -32.31 42.60 -9.83
C PRO G 120 -30.95 43.13 -9.43
N GLU G 121 -30.53 42.95 -8.18
CA GLU G 121 -29.21 43.35 -7.77
C GLU G 121 -28.16 42.26 -7.99
N GLY G 122 -28.52 41.17 -8.67
CA GLY G 122 -27.54 40.19 -9.07
C GLY G 122 -27.33 39.09 -8.04
N THR G 123 -26.15 38.47 -8.14
CA THR G 123 -25.71 37.38 -7.27
C THR G 123 -24.74 37.96 -6.24
N CYS G 124 -25.04 37.77 -4.95
CA CYS G 124 -24.32 38.57 -3.95
C CYS G 124 -22.89 38.04 -3.72
N GLY G 125 -22.10 38.84 -3.00
CA GLY G 125 -20.73 38.44 -2.69
C GLY G 125 -20.63 37.13 -1.92
N PHE G 126 -21.55 36.90 -0.99
CA PHE G 126 -21.54 35.65 -0.23
C PHE G 126 -21.65 34.42 -1.13
N CYS G 127 -22.48 34.50 -2.16
CA CYS G 127 -22.65 33.37 -3.06
C CYS G 127 -21.45 33.20 -3.99
N VAL G 128 -20.87 34.31 -4.44
CA VAL G 128 -19.67 34.23 -5.26
C VAL G 128 -18.54 33.55 -4.47
N ASN G 129 -18.39 33.90 -3.19
CA ASN G 129 -17.25 33.40 -2.44
C ASN G 129 -17.52 32.15 -1.60
N MSE G 130 -18.77 31.70 -1.43
CA MSE G 130 -18.98 30.48 -0.63
C MSE G 130 -19.72 29.33 -1.33
O MSE G 130 -19.70 28.22 -0.82
CB MSE G 130 -19.75 30.77 0.67
CG MSE G 130 -19.25 31.87 1.60
SE MSE G 130 -20.59 32.38 3.03
CE MSE G 130 -19.87 31.39 4.53
N THR G 131 -20.37 29.57 -2.46
CA THR G 131 -21.10 28.50 -3.14
C THR G 131 -20.25 27.26 -3.37
N GLU G 132 -18.96 27.44 -3.73
CA GLU G 132 -18.13 26.28 -4.05
C GLU G 132 -17.75 25.46 -2.83
N THR G 133 -17.81 26.04 -1.63
CA THR G 133 -17.71 25.22 -0.43
C THR G 133 -18.98 24.40 -0.20
N LEU G 134 -20.15 24.97 -0.54
CA LEU G 134 -21.40 24.25 -0.36
C LEU G 134 -21.54 23.11 -1.35
N LEU G 135 -21.09 23.32 -2.59
CA LEU G 135 -21.13 22.25 -3.60
C LEU G 135 -20.20 21.09 -3.26
N PRO G 136 -20.57 19.86 -3.63
CA PRO G 136 -19.62 18.77 -3.59
C PRO G 136 -18.53 18.98 -4.64
N GLU G 137 -17.44 18.26 -4.49
CA GLU G 137 -16.27 18.55 -5.31
C GLU G 137 -16.51 18.23 -6.79
N ASN G 138 -16.32 19.26 -7.63
CA ASN G 138 -16.40 19.21 -9.10
C ASN G 138 -17.81 19.11 -9.63
N ALA G 139 -18.81 19.42 -8.81
CA ALA G 139 -20.15 19.60 -9.31
C ALA G 139 -20.23 20.94 -10.01
N LYS G 140 -20.89 20.96 -11.18
CA LYS G 140 -21.03 22.19 -11.96
C LYS G 140 -22.43 22.76 -11.75
N MSE G 141 -22.48 24.03 -11.31
CA MSE G 141 -23.75 24.74 -11.10
C MSE G 141 -23.74 26.14 -11.73
O MSE G 141 -22.90 26.97 -11.39
CB MSE G 141 -24.09 24.87 -9.61
CG MSE G 141 -25.48 25.43 -9.40
SE MSE G 141 -26.15 25.51 -7.53
CE MSE G 141 -25.18 27.14 -7.03
N THR G 142 -24.67 26.40 -12.66
CA THR G 142 -24.78 27.70 -13.32
C THR G 142 -25.84 28.56 -12.64
N VAL G 143 -25.50 29.80 -12.31
CA VAL G 143 -26.40 30.70 -11.61
C VAL G 143 -26.68 31.93 -12.47
N VAL G 144 -27.94 32.12 -12.83
CA VAL G 144 -28.34 33.13 -13.82
C VAL G 144 -29.19 34.20 -13.15
N PRO G 145 -28.67 35.41 -12.99
CA PRO G 145 -29.48 36.49 -12.46
C PRO G 145 -30.45 36.97 -13.52
N PRO G 146 -31.45 37.78 -13.17
CA PRO G 146 -32.39 38.24 -14.20
C PRO G 146 -31.69 39.17 -15.17
N GLU G 147 -32.20 39.25 -16.39
CA GLU G 147 -31.48 40.02 -17.39
C GLU G 147 -31.53 41.51 -17.04
N GLY G 148 -30.43 42.20 -17.34
CA GLY G 148 -30.32 43.58 -16.90
C GLY G 148 -30.12 43.76 -15.41
N ALA G 149 -29.73 42.72 -14.69
CA ALA G 149 -29.38 42.91 -13.28
C ALA G 149 -28.22 43.88 -13.18
N ILE G 150 -28.29 44.78 -12.21
CA ILE G 150 -27.22 45.74 -11.90
C ILE G 150 -26.76 45.53 -10.47
N PRO G 151 -25.56 45.03 -10.22
CA PRO G 151 -25.10 44.85 -8.83
C PRO G 151 -24.83 46.19 -8.17
N VAL G 152 -25.06 46.25 -6.86
CA VAL G 152 -24.92 47.50 -6.13
C VAL G 152 -24.04 47.30 -4.91
N LYS G 153 -23.74 46.05 -4.57
CA LYS G 153 -22.89 45.70 -3.43
C LYS G 153 -21.57 45.15 -3.93
N ARG G 154 -20.46 45.63 -3.36
CA ARG G 154 -19.16 45.24 -3.85
C ARG G 154 -18.99 43.73 -3.74
N GLY G 155 -18.42 43.13 -4.79
CA GLY G 155 -18.28 41.69 -4.86
C GLY G 155 -19.45 40.96 -5.45
N ALA G 156 -20.53 41.66 -5.78
CA ALA G 156 -21.66 40.97 -6.37
C ALA G 156 -21.57 41.07 -7.89
N THR G 157 -22.26 40.18 -8.58
CA THR G 157 -22.20 40.16 -10.04
C THR G 157 -23.60 40.14 -10.64
N GLY G 158 -23.75 40.84 -11.77
CA GLY G 158 -24.94 40.83 -12.58
C GLY G 158 -24.85 39.91 -13.77
N GLU G 159 -23.80 39.12 -13.84
CA GLU G 159 -23.49 38.18 -14.92
C GLU G 159 -23.81 36.76 -14.49
N THR G 160 -24.16 35.92 -15.44
CA THR G 160 -24.23 34.49 -15.17
C THR G 160 -22.91 34.02 -14.61
N LYS G 161 -22.92 33.27 -13.51
CA LYS G 161 -21.67 32.72 -12.99
C LYS G 161 -21.76 31.19 -12.94
N VAL G 162 -20.72 30.55 -13.46
CA VAL G 162 -20.60 29.09 -13.50
C VAL G 162 -19.62 28.68 -12.41
N PHE G 163 -20.14 28.06 -11.35
CA PHE G 163 -19.38 27.57 -10.21
C PHE G 163 -19.09 26.08 -10.35
N THR G 164 -17.95 25.65 -9.82
CA THR G 164 -17.66 24.21 -9.70
C THR G 164 -17.17 23.93 -8.28
N GLY G 165 -17.69 22.88 -7.66
CA GLY G 165 -17.41 22.65 -6.26
C GLY G 165 -15.94 22.42 -6.00
N ASN G 166 -15.47 22.86 -4.83
CA ASN G 166 -14.10 22.62 -4.40
C ASN G 166 -14.06 21.60 -3.26
N SER G 167 -12.84 21.24 -2.85
CA SER G 167 -12.63 20.19 -1.85
C SER G 167 -13.37 20.47 -0.56
N ASN G 168 -13.56 21.74 -0.22
CA ASN G 168 -14.01 22.11 1.11
C ASN G 168 -15.49 21.76 1.28
N SER G 169 -15.83 21.35 2.49
CA SER G 169 -17.19 21.02 2.83
C SER G 169 -17.67 21.91 3.95
N PRO G 170 -18.97 22.13 4.07
CA PRO G 170 -19.46 23.12 5.03
C PRO G 170 -19.16 22.69 6.46
N LYS G 171 -18.64 23.62 7.24
CA LYS G 171 -18.33 23.36 8.65
C LYS G 171 -19.64 23.48 9.45
N SER G 172 -20.10 22.36 10.01
CA SER G 172 -21.28 22.39 10.84
C SER G 172 -21.04 23.22 12.11
N PRO G 173 -22.08 23.90 12.62
CA PRO G 173 -22.02 24.54 13.94
C PRO G 173 -22.63 23.65 15.05
N MSE H 1 -11.98 54.00 1.28
CA MSE H 1 -12.64 52.71 1.52
C MSE H 1 -14.12 52.78 1.11
O MSE H 1 -14.82 53.71 1.46
CB MSE H 1 -12.52 52.27 2.99
CG MSE H 1 -13.06 50.84 3.23
SE MSE H 1 -13.23 50.17 5.09
CE MSE H 1 -14.59 51.39 5.77
N TYR H 2 -14.56 51.80 0.33
CA TYR H 2 -15.96 51.71 -0.02
C TYR H 2 -16.71 51.09 1.15
N ALA H 3 -17.88 51.66 1.42
CA ALA H 3 -18.75 51.20 2.49
C ALA H 3 -20.16 51.16 1.92
N ASP H 4 -20.74 49.96 1.84
CA ASP H 4 -22.10 49.72 1.37
C ASP H 4 -23.03 49.42 2.53
N ASP H 5 -24.27 49.88 2.43
CA ASP H 5 -25.31 49.47 3.37
C ASP H 5 -26.66 49.37 2.64
N PHE H 6 -27.74 49.29 3.41
CA PHE H 6 -29.09 49.22 2.85
C PHE H 6 -29.32 50.28 1.78
N ASP H 7 -28.86 51.51 2.02
CA ASP H 7 -29.25 52.67 1.22
C ASP H 7 -28.28 53.02 0.09
N GLY H 8 -27.11 52.43 0.03
CA GLY H 8 -26.19 52.68 -1.06
C GLY H 8 -24.75 52.56 -0.60
N GLU H 9 -23.87 53.18 -1.36
CA GLU H 9 -22.43 53.15 -1.14
C GLU H 9 -21.92 54.55 -0.94
N ILE H 10 -21.06 54.73 0.06
CA ILE H 10 -20.30 55.96 0.22
C ILE H 10 -18.84 55.60 0.42
N GLU H 11 -17.98 56.61 0.26
CA GLU H 11 -16.54 56.47 0.51
C GLU H 11 -16.22 57.02 1.88
N ILE H 12 -15.46 56.26 2.64
CA ILE H 12 -15.05 56.64 3.98
C ILE H 12 -13.56 56.83 3.96
N ASP H 13 -13.10 57.98 4.46
CA ASP H 13 -11.69 58.20 4.57
C ASP H 13 -11.20 58.44 5.99
N GLU H 14 -12.10 58.60 6.96
CA GLU H 14 -11.70 58.82 8.34
C GLU H 14 -12.56 57.96 9.27
N VAL H 15 -12.01 57.65 10.44
CA VAL H 15 -12.65 56.71 11.36
C VAL H 15 -14.01 57.22 11.82
N ASP H 16 -14.09 58.51 12.13
CA ASP H 16 -15.33 59.04 12.70
C ASP H 16 -16.47 59.07 11.69
N SER H 17 -16.17 59.21 10.39
CA SER H 17 -17.23 58.99 9.40
C SER H 17 -17.70 57.55 9.41
N LEU H 18 -16.77 56.63 9.65
CA LEU H 18 -17.09 55.21 9.63
C LEU H 18 -17.92 54.81 10.84
N VAL H 19 -17.55 55.31 12.02
CA VAL H 19 -18.31 54.99 13.24
C VAL H 19 -19.73 55.51 13.12
N GLU H 20 -19.91 56.67 12.50
CA GLU H 20 -21.23 57.20 12.24
C GLU H 20 -21.98 56.30 11.26
N PHE H 21 -21.35 55.98 10.13
CA PHE H 21 -21.98 55.14 9.12
C PHE H 21 -22.42 53.81 9.71
N LEU H 22 -21.63 53.26 10.63
CA LEU H 22 -21.96 51.95 11.16
C LEU H 22 -23.10 51.99 12.17
N SER H 23 -23.59 53.18 12.51
CA SER H 23 -24.68 53.31 13.46
C SER H 23 -26.05 53.49 12.80
N ARG H 24 -26.14 53.45 11.47
CA ARG H 24 -27.41 53.66 10.78
C ARG H 24 -28.21 52.36 10.77
N ARG H 25 -29.48 52.44 11.17
CA ARG H 25 -30.42 51.31 11.03
C ARG H 25 -31.64 51.82 10.29
N PRO H 26 -31.59 51.86 8.96
CA PRO H 26 -32.67 52.52 8.21
C PRO H 26 -33.96 51.71 8.10
N ALA H 27 -33.95 50.42 8.39
CA ALA H 27 -35.15 49.62 8.32
C ALA H 27 -35.02 48.45 9.28
N PHE H 28 -36.09 48.18 10.04
CA PHE H 28 -36.16 47.05 10.98
C PHE H 28 -35.10 47.10 12.05
N ASP H 29 -34.64 48.31 12.40
CA ASP H 29 -33.52 48.50 13.33
C ASP H 29 -32.35 47.60 12.95
N ALA H 30 -32.04 47.59 11.64
CA ALA H 30 -31.08 46.66 11.10
C ALA H 30 -30.30 47.32 9.97
N ASN H 31 -29.24 46.64 9.54
CA ASN H 31 -28.47 47.06 8.39
C ASN H 31 -27.56 45.90 8.01
N ASN H 32 -27.00 45.99 6.80
CA ASN H 32 -26.05 45.01 6.32
C ASN H 32 -24.95 45.79 5.62
N PHE H 33 -23.77 45.84 6.22
CA PHE H 33 -22.68 46.67 5.71
C PHE H 33 -21.68 45.83 4.93
N VAL H 34 -21.19 46.39 3.82
CA VAL H 34 -20.06 45.82 3.08
C VAL H 34 -18.93 46.86 3.09
N LEU H 35 -17.77 46.45 3.61
CA LEU H 35 -16.58 47.29 3.74
C LEU H 35 -15.47 46.68 2.92
N THR H 36 -14.84 47.49 2.06
CA THR H 36 -13.83 46.94 1.18
C THR H 36 -12.98 48.07 0.64
N PHE H 37 -11.75 47.73 0.30
CA PHE H 37 -10.85 48.64 -0.38
C PHE H 37 -10.67 48.25 -1.84
N GLU H 38 -11.16 47.09 -2.26
CA GLU H 38 -11.00 46.62 -3.62
C GLU H 38 -12.26 46.87 -4.43
N GLU H 39 -12.06 47.34 -5.68
CA GLU H 39 -13.19 47.49 -6.58
C GLU H 39 -13.88 46.15 -6.80
N SER H 40 -13.13 45.06 -6.74
CA SER H 40 -13.72 43.75 -6.94
C SER H 40 -14.49 43.24 -5.72
N GLY H 41 -14.31 43.87 -4.55
CA GLY H 41 -15.04 43.53 -3.35
C GLY H 41 -14.38 42.53 -2.41
N PHE H 42 -13.20 42.01 -2.74
CA PHE H 42 -12.50 41.09 -1.85
C PHE H 42 -11.08 41.58 -1.64
N PRO H 43 -10.56 41.55 -0.40
CA PRO H 43 -11.21 41.17 0.86
C PRO H 43 -12.34 42.09 1.21
N GLN H 44 -13.31 41.66 2.03
CA GLN H 44 -14.35 42.53 2.54
C GLN H 44 -14.73 42.13 3.95
N LEU H 45 -15.18 43.12 4.71
CA LEU H 45 -15.93 42.90 5.94
C LEU H 45 -17.40 42.98 5.59
N ASN H 46 -18.13 41.91 5.83
CA ASN H 46 -19.58 41.91 5.66
C ASN H 46 -20.23 41.81 7.04
N ILE H 47 -21.03 42.80 7.40
CA ILE H 47 -21.59 42.94 8.76
C ILE H 47 -23.11 42.90 8.68
N PHE H 48 -23.73 42.08 9.52
CA PHE H 48 -25.18 42.11 9.72
C PHE H 48 -25.44 42.73 11.07
N ALA H 49 -26.24 43.79 11.10
CA ALA H 49 -26.51 44.51 12.34
C ALA H 49 -28.00 44.51 12.57
N LYS H 50 -28.40 44.16 13.79
CA LYS H 50 -29.76 44.29 14.23
C LYS H 50 -29.69 44.66 15.70
N ASN H 51 -30.49 45.64 16.12
CA ASN H 51 -30.57 46.09 17.52
C ASN H 51 -29.14 46.47 17.92
N ASP H 52 -28.62 45.95 19.02
CA ASP H 52 -27.23 46.13 19.41
C ASP H 52 -26.47 44.80 19.36
N ILE H 53 -26.77 43.95 18.36
CA ILE H 53 -26.01 42.74 18.09
C ILE H 53 -25.63 42.71 16.60
N ALA H 54 -24.68 41.83 16.28
CA ALA H 54 -24.15 41.74 14.94
C ALA H 54 -23.55 40.37 14.71
N VAL H 55 -23.32 40.07 13.43
CA VAL H 55 -22.57 38.92 12.95
C VAL H 55 -21.64 39.44 11.86
N VAL H 56 -20.34 39.12 11.94
CA VAL H 56 -19.29 39.72 11.12
C VAL H 56 -18.63 38.63 10.26
N TYR H 57 -18.61 38.82 8.95
CA TYR H 57 -17.85 37.96 8.05
C TYR H 57 -16.61 38.66 7.51
N TYR H 58 -15.58 37.85 7.28
CA TYR H 58 -14.41 38.31 6.53
C TYR H 58 -14.23 37.38 5.35
N MSE H 59 -14.20 37.94 4.15
CA MSE H 59 -14.04 37.12 2.95
C MSE H 59 -12.95 37.64 2.05
O MSE H 59 -12.78 38.85 1.90
CB MSE H 59 -15.34 37.06 2.14
CG MSE H 59 -16.51 36.57 2.97
SE MSE H 59 -17.97 36.15 1.83
CE MSE H 59 -18.35 37.92 1.12
N ASP H 60 -12.20 36.70 1.48
CA ASP H 60 -11.20 36.94 0.45
C ASP H 60 -11.30 35.78 -0.51
N ILE H 61 -10.54 35.86 -1.60
CA ILE H 61 -10.62 34.81 -2.62
C ILE H 61 -10.23 33.46 -2.04
N GLY H 62 -9.30 33.37 -1.11
CA GLY H 62 -9.03 32.05 -0.57
C GLY H 62 -9.85 31.73 0.67
N GLU H 63 -10.50 32.76 1.26
CA GLU H 63 -10.84 32.58 2.66
C GLU H 63 -12.27 33.00 2.97
N ASN H 64 -12.84 32.36 3.98
CA ASN H 64 -14.17 32.69 4.49
C ASN H 64 -14.14 32.48 6.01
N PHE H 65 -14.34 33.56 6.76
CA PHE H 65 -14.34 33.51 8.22
C PHE H 65 -15.60 34.15 8.76
N VAL H 66 -16.12 33.61 9.87
CA VAL H 66 -17.25 34.22 10.56
C VAL H 66 -16.85 34.41 12.00
N SER H 67 -17.43 35.41 12.65
CA SER H 67 -17.13 35.69 14.04
C SER H 67 -17.61 34.56 14.95
N LYS H 68 -16.92 34.40 16.09
CA LYS H 68 -17.35 33.43 17.11
C LYS H 68 -17.67 34.19 18.38
N GLY H 69 -18.95 34.23 18.73
CA GLY H 69 -19.41 34.87 19.94
C GLY H 69 -19.31 33.94 21.14
N ASN H 70 -20.01 34.34 22.20
CA ASN H 70 -19.88 33.64 23.46
C ASN H 70 -21.01 32.67 23.74
N SER H 71 -22.09 32.72 22.98
CA SER H 71 -23.03 31.60 22.99
C SER H 71 -22.32 30.33 22.53
N ALA H 72 -22.55 29.24 23.26
CA ALA H 72 -21.99 27.93 22.95
C ALA H 72 -23.01 27.10 22.17
N SER H 73 -24.09 26.73 22.83
CA SER H 73 -25.19 26.01 22.21
C SER H 73 -26.29 27.01 21.90
N GLY H 74 -26.56 27.20 20.62
CA GLY H 74 -27.56 28.17 20.22
C GLY H 74 -28.22 27.74 18.93
N GLY H 75 -29.42 28.27 18.72
CA GLY H 75 -30.09 28.08 17.47
C GLY H 75 -29.69 29.18 16.51
N THR H 76 -30.65 30.00 16.09
CA THR H 76 -30.43 30.99 15.06
C THR H 76 -31.04 32.32 15.46
N GLU H 77 -30.52 33.36 14.85
CA GLU H 77 -30.98 34.73 15.02
C GLU H 77 -31.27 35.28 13.63
N LYS H 78 -32.35 36.03 13.50
CA LYS H 78 -32.80 36.48 12.20
C LYS H 78 -32.25 37.89 11.99
N PHE H 79 -31.61 38.10 10.86
CA PHE H 79 -31.12 39.41 10.45
C PHE H 79 -31.72 39.79 9.11
N TYR H 80 -31.47 41.02 8.68
CA TYR H 80 -32.03 41.51 7.44
C TYR H 80 -30.95 41.81 6.42
N GLU H 81 -31.24 41.47 5.16
CA GLU H 81 -30.36 41.68 4.02
C GLU H 81 -30.62 42.99 3.28
N ASN H 82 -31.78 43.60 3.45
CA ASN H 82 -32.13 44.72 2.62
C ASN H 82 -33.30 45.43 3.28
N LYS H 83 -33.55 46.68 2.89
CA LYS H 83 -34.61 47.43 3.59
C LYS H 83 -36.02 46.98 3.21
N LEU H 84 -36.18 46.10 2.22
CA LEU H 84 -37.50 45.58 1.88
C LEU H 84 -37.93 44.44 2.79
N GLY H 85 -37.06 43.97 3.69
CA GLY H 85 -37.40 42.90 4.59
C GLY H 85 -36.83 41.54 4.26
N GLY H 86 -36.00 41.41 3.23
CA GLY H 86 -35.33 40.14 3.01
C GLY H 86 -34.59 39.67 4.24
N GLU H 87 -34.84 38.44 4.66
CA GLU H 87 -34.37 37.90 5.93
C GLU H 87 -33.30 36.86 5.71
N VAL H 88 -32.50 36.66 6.75
CA VAL H 88 -31.47 35.63 6.74
C VAL H 88 -31.35 35.12 8.17
N ASP H 89 -31.18 33.82 8.34
CA ASP H 89 -31.09 33.22 9.66
C ASP H 89 -29.65 32.79 9.89
N LEU H 90 -28.97 33.50 10.77
CA LEU H 90 -27.57 33.29 11.12
C LEU H 90 -27.46 32.57 12.46
N SER H 91 -26.32 31.92 12.69
CA SER H 91 -26.14 31.14 13.90
C SER H 91 -25.94 32.05 15.10
N LYS H 92 -26.63 31.72 16.19
CA LYS H 92 -26.42 32.44 17.45
C LYS H 92 -25.01 32.24 17.99
N ASP H 93 -24.33 31.17 17.57
CA ASP H 93 -22.94 30.97 17.93
C ASP H 93 -22.07 32.14 17.47
N CYS H 94 -22.44 32.77 16.36
CA CYS H 94 -21.64 33.83 15.75
C CYS H 94 -22.01 35.23 16.22
N VAL H 95 -23.07 35.40 16.99
CA VAL H 95 -23.50 36.74 17.35
C VAL H 95 -22.47 37.35 18.30
N VAL H 96 -22.00 38.55 17.97
CA VAL H 96 -21.13 39.32 18.83
C VAL H 96 -21.83 40.64 19.10
N SER H 97 -21.29 41.43 20.01
CA SER H 97 -22.03 42.63 20.37
C SER H 97 -21.84 43.73 19.32
N LYS H 98 -22.70 44.75 19.40
CA LYS H 98 -22.56 45.89 18.50
C LYS H 98 -21.20 46.56 18.67
N GLU H 99 -20.74 46.70 19.93
CA GLU H 99 -19.49 47.39 20.17
C GLU H 99 -18.29 46.56 19.73
N GLN H 100 -18.37 45.23 19.88
CA GLN H 100 -17.32 44.37 19.32
C GLN H 100 -17.29 44.49 17.80
N MSE H 101 -18.43 44.77 17.20
CA MSE H 101 -18.52 44.90 15.79
C MSE H 101 -17.89 46.22 15.33
O MSE H 101 -17.20 46.27 14.34
CB MSE H 101 -19.97 44.80 15.35
CG MSE H 101 -20.19 44.96 13.86
SE MSE H 101 -20.45 46.83 13.30
CE MSE H 101 -22.20 47.16 14.16
N ILE H 102 -18.13 47.30 16.07
CA ILE H 102 -17.57 48.60 15.68
C ILE H 102 -16.04 48.64 15.81
N GLU H 103 -15.48 47.94 16.81
CA GLU H 103 -14.03 47.91 16.92
C GLU H 103 -13.40 47.00 15.88
N ALA H 104 -14.04 45.89 15.53
CA ALA H 104 -13.58 45.06 14.42
C ALA H 104 -13.47 45.88 13.14
N ALA H 105 -14.52 46.65 12.82
CA ALA H 105 -14.56 47.42 11.60
C ALA H 105 -13.50 48.53 11.60
N LYS H 106 -13.36 49.24 12.73
CA LYS H 106 -12.23 50.16 12.90
C LYS H 106 -10.90 49.48 12.55
N GLN H 107 -10.65 48.31 13.13
CA GLN H 107 -9.41 47.59 12.83
C GLN H 107 -9.25 47.37 11.33
N PHE H 108 -10.28 46.80 10.67
CA PHE H 108 -10.17 46.50 9.25
C PHE H 108 -9.97 47.76 8.42
N PHE H 109 -10.66 48.83 8.78
CA PHE H 109 -10.39 50.11 8.16
C PHE H 109 -8.91 50.49 8.28
N ALA H 110 -8.37 50.43 9.49
CA ALA H 110 -6.98 50.86 9.67
C ALA H 110 -5.99 49.88 9.02
N THR H 111 -6.28 48.58 9.05
CA THR H 111 -5.30 47.58 8.66
C THR H 111 -5.48 47.07 7.24
N LYS H 112 -6.69 47.15 6.65
CA LYS H 112 -7.03 46.56 5.36
C LYS H 112 -6.92 45.04 5.35
N GLN H 113 -6.85 44.42 6.52
CA GLN H 113 -6.64 43.00 6.71
C GLN H 113 -7.65 42.50 7.72
N ARG H 114 -7.72 41.19 7.90
CA ARG H 114 -8.68 40.63 8.84
C ARG H 114 -8.47 41.24 10.22
N PRO H 115 -9.53 41.65 10.92
CA PRO H 115 -9.39 42.16 12.29
C PRO H 115 -9.10 41.05 13.29
N GLU H 116 -8.26 41.35 14.28
CA GLU H 116 -7.85 40.35 15.26
C GLU H 116 -8.47 40.55 16.64
N GLN H 117 -9.48 41.43 16.79
CA GLN H 117 -10.18 41.53 18.07
C GLN H 117 -11.41 40.62 18.12
N LEU H 118 -11.93 40.21 16.99
CA LEU H 118 -12.90 39.14 17.07
C LEU H 118 -12.17 37.81 17.07
N THR H 119 -12.80 36.81 17.70
CA THR H 119 -12.47 35.43 17.45
C THR H 119 -13.21 34.95 16.21
N TRP H 120 -12.52 34.18 15.37
CA TRP H 120 -13.03 33.75 14.08
C TRP H 120 -13.16 32.24 14.00
N SER H 121 -14.18 31.78 13.28
CA SER H 121 -14.29 30.40 12.85
C SER H 121 -13.95 30.34 11.37
N GLU H 122 -13.04 29.46 11.00
CA GLU H 122 -12.79 29.28 9.58
C GLU H 122 -13.86 28.41 8.97
N LEU H 123 -14.45 28.90 7.89
CA LEU H 123 -15.43 28.19 7.09
C LEU H 123 -14.75 27.67 5.83
ZN ZN I . 30.31 -1.53 6.88
ZN ZN J . 1.23 -30.42 -20.43
ZN ZN K . -6.03 -8.84 13.52
ZN ZN L . -26.32 35.61 -3.54
#